data_5T7E
#
_entry.id   5T7E
#
_cell.length_a   64.180
_cell.length_b   66.110
_cell.length_c   86.150
_cell.angle_alpha   90.00
_cell.angle_beta   103.06
_cell.angle_gamma   90.00
#
_symmetry.space_group_name_H-M   'P 1 21 1'
#
loop_
_entity.id
_entity.type
_entity.pdbx_description
1 polymer 'Phosphinothricin N-acetyltransferase'
2 non-polymer 'COENZYME A'
3 non-polymer PHOSPHINOTHRICIN
4 non-polymer 'nonyl beta-D-glucopyranoside'
5 water water
#
_entity_poly.entity_id   1
_entity_poly.type   'polypeptide(L)'
_entity_poly.pdbx_seq_one_letter_code
;GAMDPFMSPERRPADIRRATEADMPAVCTIVNHYIETSTVNFRTEPQEPQEWTDDLVRLRERYPWLVAEVDGEVAGIAYA
GPWKARNAYDWTAESTVYVSPRHQRTGLGSTLYTHLLKSLEAQGFKSVVAVIGLPNDPSVRMHEALGYAPRGMLRAAGFK
HGNWHDVGFWQLDFSLPVPPRPVLPVTEI
;
_entity_poly.pdbx_strand_id   A,B,C,D
#
loop_
_chem_comp.id
_chem_comp.type
_chem_comp.name
_chem_comp.formula
BNG D-saccharide 'nonyl beta-D-glucopyranoside' 'C15 H30 O6'
COA non-polymer 'COENZYME A' 'C21 H36 N7 O16 P3 S'
PPQ non-polymer PHOSPHINOTHRICIN 'C5 H12 N O4 P'
#
# COMPACT_ATOMS: atom_id res chain seq x y z
N ALA A 14 13.58 -12.47 8.83
CA ALA A 14 12.99 -11.19 8.43
C ALA A 14 13.65 -10.04 9.18
N ASP A 15 13.23 -8.82 8.86
CA ASP A 15 13.81 -7.61 9.43
C ASP A 15 15.23 -7.42 8.92
N ILE A 16 16.13 -6.88 9.75
CA ILE A 16 17.50 -6.57 9.34
C ILE A 16 18.39 -7.72 9.76
N ARG A 17 19.24 -8.19 8.84
CA ARG A 17 20.12 -9.32 9.09
C ARG A 17 21.29 -9.24 8.12
N ARG A 18 22.24 -10.16 8.28
CA ARG A 18 23.36 -10.25 7.37
C ARG A 18 22.93 -10.82 6.03
N ALA A 19 23.51 -10.28 4.95
CA ALA A 19 23.15 -10.69 3.61
C ALA A 19 23.72 -12.07 3.28
N THR A 20 22.94 -12.85 2.55
CA THR A 20 23.37 -14.17 2.09
C THR A 20 23.37 -14.21 0.56
N GLU A 21 23.96 -15.28 0.02
CA GLU A 21 24.02 -15.43 -1.42
C GLU A 21 22.64 -15.56 -2.03
N ALA A 22 21.67 -16.07 -1.26
CA ALA A 22 20.31 -16.23 -1.76
C ALA A 22 19.58 -14.90 -1.88
N ASP A 23 20.06 -13.85 -1.22
CA ASP A 23 19.43 -12.53 -1.27
C ASP A 23 19.87 -11.69 -2.47
N MET A 24 20.91 -12.11 -3.19
CA MET A 24 21.55 -11.26 -4.18
C MET A 24 20.65 -11.00 -5.39
N PRO A 25 19.91 -12.00 -5.89
CA PRO A 25 18.96 -11.70 -6.99
C PRO A 25 17.99 -10.58 -6.63
N ALA A 26 17.40 -10.63 -5.43
CA ALA A 26 16.50 -9.57 -4.99
C ALA A 26 17.23 -8.24 -4.89
N VAL A 27 18.43 -8.24 -4.31
CA VAL A 27 19.22 -7.02 -4.22
C VAL A 27 19.48 -6.46 -5.61
N CYS A 28 19.89 -7.33 -6.54
CA CYS A 28 20.19 -6.88 -7.90
C CYS A 28 18.98 -6.25 -8.55
N THR A 29 17.78 -6.80 -8.31
CA THR A 29 16.57 -6.23 -8.88
C THR A 29 16.31 -4.83 -8.34
N ILE A 30 16.58 -4.62 -7.06
CA ILE A 30 16.34 -3.31 -6.45
C ILE A 30 17.27 -2.26 -7.05
N VAL A 31 18.57 -2.56 -7.10
CA VAL A 31 19.54 -1.55 -7.53
C VAL A 31 19.41 -1.29 -9.02
N ASN A 32 19.11 -2.34 -9.81
CA ASN A 32 18.88 -2.14 -11.24
C ASN A 32 17.78 -1.12 -11.49
N HIS A 33 16.79 -1.04 -10.60
CA HIS A 33 15.72 -0.05 -10.77
C HIS A 33 16.29 1.36 -10.78
N TYR A 34 17.28 1.63 -9.94
CA TYR A 34 17.86 2.97 -9.88
C TYR A 34 18.90 3.17 -10.96
N ILE A 35 19.52 2.09 -11.43
CA ILE A 35 20.41 2.19 -12.58
C ILE A 35 19.63 2.65 -13.82
N GLU A 36 18.42 2.14 -13.99
CA GLU A 36 17.66 2.37 -15.21
C GLU A 36 16.81 3.63 -15.17
N THR A 37 16.46 4.13 -13.98
CA THR A 37 15.51 5.21 -13.86
C THR A 37 16.05 6.49 -13.24
N SER A 38 17.27 6.48 -12.70
CA SER A 38 17.78 7.62 -11.94
C SER A 38 19.26 7.81 -12.24
N THR A 39 19.80 8.89 -11.68
CA THR A 39 21.22 9.21 -11.79
C THR A 39 21.91 9.16 -10.44
N VAL A 40 21.27 8.57 -9.42
CA VAL A 40 21.89 8.44 -8.10
C VAL A 40 23.02 7.43 -8.11
N ASN A 41 23.13 6.64 -9.18
CA ASN A 41 24.26 5.74 -9.37
C ASN A 41 24.63 5.77 -10.85
N PHE A 42 25.93 5.82 -11.12
CA PHE A 42 26.44 6.18 -12.44
C PHE A 42 26.61 5.00 -13.37
N ARG A 43 26.10 3.82 -13.02
CA ARG A 43 26.01 2.74 -14.00
C ARG A 43 24.89 3.04 -14.99
N THR A 44 25.15 2.74 -16.27
CA THR A 44 24.13 2.80 -17.29
C THR A 44 23.66 1.42 -17.74
N GLU A 45 24.36 0.37 -17.32
CA GLU A 45 24.09 -0.99 -17.74
C GLU A 45 23.58 -1.78 -16.53
N PRO A 46 22.35 -2.29 -16.55
CA PRO A 46 21.87 -3.06 -15.39
C PRO A 46 22.80 -4.23 -15.07
N GLN A 47 22.83 -4.60 -13.81
CA GLN A 47 23.75 -5.60 -13.32
C GLN A 47 23.09 -6.98 -13.29
N GLU A 48 23.89 -7.98 -12.95
CA GLU A 48 23.51 -9.37 -12.89
C GLU A 48 23.88 -9.94 -11.52
N PRO A 49 23.02 -10.77 -10.92
CA PRO A 49 23.18 -11.06 -9.47
C PRO A 49 24.55 -11.60 -9.07
N GLN A 50 25.26 -12.26 -9.99
CA GLN A 50 26.52 -12.88 -9.62
C GLN A 50 27.60 -11.83 -9.31
N GLU A 51 27.56 -10.67 -9.97
CA GLU A 51 28.50 -9.62 -9.63
C GLU A 51 28.32 -9.19 -8.18
N TRP A 52 27.10 -9.26 -7.66
CA TRP A 52 26.85 -9.03 -6.24
C TRP A 52 27.35 -10.20 -5.40
N THR A 53 27.12 -11.43 -5.87
CA THR A 53 27.54 -12.60 -5.11
C THR A 53 29.07 -12.67 -5.00
N ASP A 54 29.78 -12.35 -6.08
CA ASP A 54 31.23 -12.37 -6.03
C ASP A 54 31.75 -11.33 -5.03
N ASP A 55 31.10 -10.16 -4.97
CA ASP A 55 31.54 -9.13 -4.03
C ASP A 55 31.21 -9.52 -2.60
N LEU A 56 30.00 -10.05 -2.38
CA LEU A 56 29.61 -10.49 -1.04
C LEU A 56 30.62 -11.47 -0.46
N VAL A 57 30.89 -12.55 -1.18
CA VAL A 57 31.78 -13.59 -0.67
C VAL A 57 33.18 -13.04 -0.46
N ARG A 58 33.62 -12.11 -1.32
CA ARG A 58 34.97 -11.57 -1.21
C ARG A 58 35.10 -10.65 0.00
N LEU A 59 34.02 -10.01 0.42
CA LEU A 59 34.08 -8.90 1.38
C LEU A 59 33.35 -9.14 2.69
N ARG A 60 32.42 -10.09 2.75
CA ARG A 60 31.49 -10.15 3.87
C ARG A 60 32.18 -10.38 5.21
N GLU A 61 33.41 -10.89 5.22
CA GLU A 61 34.10 -11.14 6.48
C GLU A 61 34.85 -9.92 7.00
N ARG A 62 35.30 -9.04 6.10
CA ARG A 62 35.96 -7.80 6.48
C ARG A 62 35.03 -6.60 6.54
N TYR A 63 33.94 -6.63 5.77
CA TYR A 63 32.99 -5.52 5.72
C TYR A 63 31.58 -6.04 5.99
N PRO A 64 30.74 -5.26 6.66
CA PRO A 64 29.36 -5.71 6.89
C PRO A 64 28.51 -5.57 5.64
N TRP A 65 27.78 -6.63 5.32
CA TRP A 65 26.80 -6.63 4.24
C TRP A 65 25.45 -7.02 4.84
N LEU A 66 24.51 -6.08 4.86
CA LEU A 66 23.23 -6.27 5.53
C LEU A 66 22.08 -6.08 4.56
N VAL A 67 21.02 -6.86 4.77
CA VAL A 67 19.77 -6.69 4.04
C VAL A 67 18.64 -6.53 5.05
N ALA A 68 17.61 -5.79 4.65
CA ALA A 68 16.39 -5.64 5.41
C ALA A 68 15.28 -6.42 4.72
N GLU A 69 14.42 -7.05 5.51
CA GLU A 69 13.33 -7.87 5.01
C GLU A 69 11.99 -7.31 5.49
N VAL A 70 10.99 -7.40 4.62
CA VAL A 70 9.61 -7.04 4.96
C VAL A 70 8.71 -8.13 4.40
N ASP A 71 7.91 -8.75 5.27
CA ASP A 71 7.05 -9.86 4.88
C ASP A 71 7.88 -11.04 4.35
N GLY A 72 9.08 -11.21 4.88
CA GLY A 72 9.98 -12.25 4.41
C GLY A 72 10.62 -11.98 3.07
N GLU A 73 10.47 -10.78 2.53
CA GLU A 73 11.01 -10.41 1.23
C GLU A 73 12.05 -9.32 1.39
N VAL A 74 13.14 -9.42 0.63
CA VAL A 74 14.20 -8.42 0.72
C VAL A 74 13.65 -7.07 0.28
N ALA A 75 13.90 -6.05 1.10
CA ALA A 75 13.42 -4.70 0.84
C ALA A 75 14.53 -3.67 0.72
N GLY A 76 15.79 -4.06 0.94
CA GLY A 76 16.89 -3.13 0.85
C GLY A 76 18.21 -3.71 1.31
N ILE A 77 19.32 -3.12 0.87
CA ILE A 77 20.65 -3.60 1.22
C ILE A 77 21.48 -2.43 1.71
N ALA A 78 22.39 -2.72 2.63
CA ALA A 78 23.41 -1.77 3.07
C ALA A 78 24.71 -2.53 3.19
N TYR A 79 25.75 -2.04 2.52
CA TYR A 79 27.02 -2.76 2.50
C TYR A 79 28.18 -1.78 2.47
N ALA A 80 29.33 -2.26 2.90
CA ALA A 80 30.57 -1.49 2.88
C ALA A 80 31.64 -2.26 2.13
N GLY A 81 32.62 -1.52 1.64
CA GLY A 81 33.74 -2.11 0.94
C GLY A 81 34.93 -1.18 0.94
N PRO A 82 36.03 -1.59 0.30
CA PRO A 82 37.22 -0.74 0.29
C PRO A 82 36.97 0.56 -0.47
N TRP A 83 37.61 1.62 -0.01
CA TRP A 83 37.58 2.88 -0.74
C TRP A 83 38.52 2.85 -1.93
N LYS A 84 39.77 2.45 -1.71
CA LYS A 84 40.76 2.37 -2.77
C LYS A 84 41.75 1.27 -2.42
N ALA A 85 42.21 0.54 -3.44
CA ALA A 85 43.03 -0.65 -3.22
C ALA A 85 44.50 -0.30 -3.01
N ARG A 86 44.79 0.61 -2.08
CA ARG A 86 46.15 0.86 -1.63
C ARG A 86 46.15 0.82 -0.11
N ASN A 87 47.17 0.16 0.45
CA ASN A 87 47.09 -0.33 1.83
C ASN A 87 46.88 0.80 2.83
N ALA A 88 47.35 2.01 2.53
CA ALA A 88 47.15 3.11 3.48
C ALA A 88 45.67 3.38 3.72
N TYR A 89 44.82 3.08 2.73
CA TYR A 89 43.38 3.31 2.81
C TYR A 89 42.63 2.23 3.59
N ASP A 90 43.33 1.25 4.18
CA ASP A 90 42.64 0.06 4.67
C ASP A 90 41.68 0.36 5.81
N TRP A 91 41.92 1.43 6.58
CA TRP A 91 41.02 1.82 7.64
C TRP A 91 39.90 2.75 7.15
N THR A 92 39.81 2.95 5.84
CA THR A 92 38.78 3.81 5.25
C THR A 92 37.82 2.94 4.45
N ALA A 93 36.55 2.98 4.83
CA ALA A 93 35.52 2.18 4.17
C ALA A 93 34.58 3.08 3.39
N GLU A 94 34.01 2.52 2.32
CA GLU A 94 32.97 3.18 1.55
C GLU A 94 31.63 2.49 1.83
N SER A 95 30.57 3.29 2.03
CA SER A 95 29.27 2.78 2.41
C SER A 95 28.25 3.05 1.31
N THR A 96 27.26 2.15 1.21
CA THR A 96 26.22 2.21 0.20
C THR A 96 24.94 1.64 0.78
N VAL A 97 23.80 2.22 0.39
CA VAL A 97 22.50 1.73 0.84
C VAL A 97 21.46 1.99 -0.24
N TYR A 98 20.62 0.99 -0.51
CA TYR A 98 19.50 1.10 -1.42
C TYR A 98 18.28 0.46 -0.79
N VAL A 99 17.12 1.12 -0.92
CA VAL A 99 15.85 0.59 -0.45
C VAL A 99 14.93 0.44 -1.65
N SER A 100 14.12 -0.62 -1.63
CA SER A 100 13.20 -0.87 -2.72
C SER A 100 12.29 0.34 -2.91
N PRO A 101 11.87 0.63 -4.16
CA PRO A 101 11.05 1.83 -4.40
C PRO A 101 9.88 2.01 -3.45
N ARG A 102 9.19 0.92 -3.08
CA ARG A 102 7.99 1.06 -2.28
C ARG A 102 8.31 1.33 -0.82
N HIS A 103 9.39 0.74 -0.31
CA HIS A 103 9.71 0.86 1.09
C HIS A 103 10.48 2.14 1.42
N GLN A 104 10.41 3.15 0.57
CA GLN A 104 11.11 4.40 0.85
C GLN A 104 10.30 5.23 1.84
N ARG A 105 11.01 5.81 2.83
CA ARG A 105 10.44 6.72 3.81
C ARG A 105 9.66 5.97 4.89
N THR A 106 10.06 4.73 5.18
CA THR A 106 9.54 4.01 6.34
C THR A 106 10.61 3.77 7.39
N GLY A 107 11.66 4.60 7.40
CA GLY A 107 12.77 4.42 8.32
C GLY A 107 13.68 3.26 7.99
N LEU A 108 13.47 2.59 6.85
CA LEU A 108 14.29 1.43 6.53
C LEU A 108 15.72 1.84 6.20
N GLY A 109 15.89 2.82 5.31
CA GLY A 109 17.22 3.24 4.92
C GLY A 109 18.09 3.65 6.09
N SER A 110 17.64 4.65 6.84
CA SER A 110 18.42 5.12 7.98
C SER A 110 18.62 4.02 9.02
N THR A 111 17.64 3.15 9.19
CA THR A 111 17.80 2.03 10.13
C THR A 111 18.83 1.03 9.60
N LEU A 112 18.76 0.73 8.29
CA LEU A 112 19.80 -0.11 7.69
C LEU A 112 21.17 0.52 7.87
N TYR A 113 21.28 1.81 7.58
CA TYR A 113 22.58 2.48 7.64
C TYR A 113 23.10 2.54 9.07
N THR A 114 22.22 2.69 10.05
CA THR A 114 22.66 2.79 11.43
C THR A 114 23.39 1.52 11.87
N HIS A 115 22.79 0.35 11.59
CA HIS A 115 23.45 -0.90 11.94
C HIS A 115 24.75 -1.07 11.18
N LEU A 116 24.79 -0.64 9.92
CA LEU A 116 26.02 -0.71 9.15
C LEU A 116 27.12 0.13 9.78
N LEU A 117 26.76 1.33 10.27
CA LEU A 117 27.76 2.23 10.81
C LEU A 117 28.26 1.78 12.18
N LYS A 118 27.37 1.25 13.01
CA LYS A 118 27.80 0.77 14.33
C LYS A 118 28.73 -0.41 14.23
N SER A 119 28.58 -1.23 13.17
CA SER A 119 29.52 -2.32 12.95
C SER A 119 30.89 -1.78 12.52
N LEU A 120 30.89 -0.84 11.58
CA LEU A 120 32.16 -0.28 11.10
C LEU A 120 32.93 0.39 12.23
N GLU A 121 32.24 1.12 13.10
CA GLU A 121 32.91 1.77 14.22
C GLU A 121 33.49 0.73 15.18
N ALA A 122 32.75 -0.36 15.42
CA ALA A 122 33.20 -1.37 16.36
C ALA A 122 34.36 -2.17 15.80
N GLN A 123 34.35 -2.45 14.49
CA GLN A 123 35.42 -3.20 13.87
C GLN A 123 36.74 -2.43 13.88
N GLY A 124 36.72 -1.13 14.11
CA GLY A 124 37.93 -0.34 14.19
C GLY A 124 38.30 0.40 12.93
N PHE A 125 37.34 0.71 12.06
CA PHE A 125 37.63 1.56 10.91
C PHE A 125 37.86 2.99 11.36
N LYS A 126 38.60 3.74 10.54
CA LYS A 126 38.87 5.14 10.84
C LYS A 126 37.76 6.07 10.36
N SER A 127 37.17 5.80 9.19
CA SER A 127 36.14 6.69 8.66
C SER A 127 35.34 5.92 7.62
N VAL A 128 34.20 6.50 7.23
CA VAL A 128 33.29 5.92 6.25
C VAL A 128 33.00 7.01 5.22
N VAL A 129 33.10 6.66 3.93
CA VAL A 129 32.94 7.62 2.84
C VAL A 129 31.73 7.22 2.02
N ALA A 130 30.89 8.19 1.69
CA ALA A 130 29.74 7.99 0.82
C ALA A 130 29.91 8.82 -0.45
N VAL A 131 29.71 8.19 -1.60
CA VAL A 131 29.81 8.84 -2.90
C VAL A 131 28.40 8.97 -3.46
N ILE A 132 27.90 10.20 -3.49
CA ILE A 132 26.50 10.46 -3.85
C ILE A 132 26.48 11.17 -5.20
N GLY A 133 25.81 10.56 -6.17
CA GLY A 133 25.58 11.20 -7.46
C GLY A 133 24.49 12.24 -7.35
N LEU A 134 24.79 13.47 -7.75
CA LEU A 134 23.86 14.57 -7.52
C LEU A 134 23.10 14.92 -8.80
N PRO A 135 21.86 15.43 -8.69
CA PRO A 135 21.12 15.73 -7.46
C PRO A 135 20.63 14.50 -6.72
N ASN A 136 20.65 14.54 -5.38
CA ASN A 136 20.12 13.46 -4.57
C ASN A 136 19.80 13.98 -3.17
N ASP A 137 18.84 14.91 -3.08
CA ASP A 137 18.48 15.48 -1.80
C ASP A 137 18.13 14.45 -0.75
N PRO A 138 17.40 13.37 -1.04
CA PRO A 138 17.13 12.38 0.01
C PRO A 138 18.39 11.81 0.63
N SER A 139 19.36 11.39 -0.19
CA SER A 139 20.57 10.77 0.35
C SER A 139 21.41 11.79 1.11
N VAL A 140 21.61 12.97 0.53
CA VAL A 140 22.38 14.02 1.22
C VAL A 140 21.82 14.23 2.62
N ARG A 141 20.50 14.19 2.75
CA ARG A 141 19.87 14.49 4.03
C ARG A 141 20.01 13.31 5.00
N MET A 142 19.81 12.09 4.52
CA MET A 142 20.04 10.92 5.36
C MET A 142 21.46 10.91 5.90
N HIS A 143 22.44 11.18 5.04
CA HIS A 143 23.84 11.10 5.44
C HIS A 143 24.19 12.17 6.46
N GLU A 144 23.84 13.43 6.17
CA GLU A 144 24.15 14.50 7.11
C GLU A 144 23.39 14.34 8.41
N ALA A 145 22.19 13.74 8.37
CA ALA A 145 21.45 13.46 9.59
C ALA A 145 22.13 12.40 10.44
N LEU A 146 22.98 11.57 9.85
CA LEU A 146 23.71 10.53 10.58
C LEU A 146 25.12 10.96 10.97
N GLY A 147 25.53 12.18 10.65
CA GLY A 147 26.82 12.70 11.06
C GLY A 147 27.82 12.85 9.93
N TYR A 148 27.47 12.47 8.71
CA TYR A 148 28.38 12.68 7.58
C TYR A 148 28.59 14.16 7.32
N ALA A 149 29.82 14.52 7.00
CA ALA A 149 30.14 15.89 6.63
C ALA A 149 30.45 15.97 5.14
N PRO A 150 29.97 17.01 4.45
CA PRO A 150 30.37 17.19 3.04
C PRO A 150 31.84 17.55 2.95
N ARG A 151 32.57 16.81 2.11
CA ARG A 151 34.02 16.91 2.04
C ARG A 151 34.56 17.26 0.67
N GLY A 152 33.74 17.26 -0.37
CA GLY A 152 34.22 17.59 -1.69
C GLY A 152 33.17 17.29 -2.74
N MET A 153 33.47 17.73 -3.95
CA MET A 153 32.55 17.54 -5.07
C MET A 153 33.33 17.67 -6.38
N LEU A 154 33.17 16.68 -7.26
CA LEU A 154 33.72 16.75 -8.60
C LEU A 154 32.66 17.25 -9.57
N ARG A 155 33.06 18.15 -10.46
CA ARG A 155 32.15 18.81 -11.37
C ARG A 155 31.98 17.99 -12.65
N ALA A 156 30.71 17.79 -13.04
CA ALA A 156 30.37 17.08 -14.28
C ALA A 156 31.17 15.79 -14.40
N ALA A 157 31.22 15.04 -13.30
CA ALA A 157 31.99 13.80 -13.27
C ALA A 157 31.34 12.70 -14.09
N GLY A 158 30.04 12.75 -14.29
CA GLY A 158 29.35 11.73 -15.07
C GLY A 158 28.35 12.35 -16.02
N PHE A 159 28.16 11.67 -17.15
CA PHE A 159 27.09 12.01 -18.09
C PHE A 159 26.11 10.84 -18.12
N LYS A 160 24.85 11.11 -17.78
CA LYS A 160 23.83 10.08 -17.79
C LYS A 160 22.47 10.74 -17.96
N HIS A 161 21.61 10.09 -18.75
CA HIS A 161 20.24 10.54 -18.98
C HIS A 161 20.20 11.99 -19.45
N GLY A 162 21.06 12.29 -20.42
CA GLY A 162 21.00 13.56 -21.14
C GLY A 162 21.57 14.76 -20.44
N ASN A 163 22.36 14.59 -19.38
CA ASN A 163 22.93 15.73 -18.69
C ASN A 163 24.23 15.33 -18.01
N TRP A 164 25.05 16.34 -17.74
CA TRP A 164 26.20 16.18 -16.87
C TRP A 164 25.76 16.24 -15.41
N HIS A 165 26.39 15.42 -14.58
CA HIS A 165 26.05 15.35 -13.16
C HIS A 165 27.31 15.40 -12.32
N ASP A 166 27.28 16.25 -11.29
CA ASP A 166 28.35 16.28 -10.30
C ASP A 166 28.25 15.07 -9.38
N VAL A 167 29.32 14.82 -8.64
CA VAL A 167 29.35 13.78 -7.63
C VAL A 167 30.01 14.36 -6.38
N GLY A 168 29.40 14.14 -5.22
CA GLY A 168 29.87 14.68 -3.97
C GLY A 168 30.35 13.59 -3.05
N PHE A 169 31.26 13.95 -2.15
CA PHE A 169 31.83 13.02 -1.17
C PHE A 169 31.41 13.46 0.22
N TRP A 170 30.81 12.55 0.97
CA TRP A 170 30.45 12.75 2.37
C TRP A 170 31.21 11.75 3.22
N GLN A 171 31.69 12.19 4.37
CA GLN A 171 32.58 11.40 5.19
C GLN A 171 32.14 11.41 6.65
N LEU A 172 32.19 10.23 7.28
CA LEU A 172 31.88 10.05 8.69
C LEU A 172 33.16 9.63 9.40
N ASP A 173 33.62 10.45 10.34
CA ASP A 173 34.92 10.26 10.97
C ASP A 173 34.78 9.53 12.30
N PHE A 174 35.63 8.54 12.51
CA PHE A 174 35.82 7.90 13.81
C PHE A 174 37.19 8.32 14.36
N SER A 175 37.55 7.75 15.51
CA SER A 175 38.80 8.08 16.17
C SER A 175 39.50 6.79 16.56
N LEU A 176 40.77 6.66 16.19
CA LEU A 176 41.54 5.46 16.44
C LEU A 176 42.86 5.79 17.13
N PRO A 177 43.40 4.86 17.91
CA PRO A 177 44.75 5.05 18.46
C PRO A 177 45.80 4.95 17.36
N VAL A 178 47.01 5.36 17.70
CA VAL A 178 48.12 5.38 16.74
C VAL A 178 49.31 4.63 17.33
N PRO A 179 49.87 3.62 16.63
CA PRO A 179 49.44 3.12 15.32
C PRO A 179 48.13 2.34 15.42
N PRO A 180 47.26 2.46 14.42
CA PRO A 180 45.98 1.76 14.49
C PRO A 180 46.16 0.25 14.37
N ARG A 181 45.37 -0.49 15.14
CA ARG A 181 45.39 -1.93 15.07
C ARG A 181 44.68 -2.41 13.80
N PRO A 182 44.93 -3.65 13.38
CA PRO A 182 44.17 -4.19 12.24
C PRO A 182 42.68 -4.18 12.52
N VAL A 183 41.91 -3.81 11.50
CA VAL A 183 40.46 -3.86 11.60
C VAL A 183 40.02 -5.27 11.96
N LEU A 184 39.12 -5.39 12.91
CA LEU A 184 38.58 -6.69 13.29
C LEU A 184 37.62 -7.19 12.21
N PRO A 185 37.59 -8.50 11.98
CA PRO A 185 36.60 -9.06 11.05
C PRO A 185 35.19 -8.95 11.63
N VAL A 186 34.21 -8.99 10.73
CA VAL A 186 32.82 -8.90 11.15
C VAL A 186 32.48 -9.98 12.16
N THR A 187 33.06 -11.16 12.01
CA THR A 187 32.80 -12.27 12.92
C THR A 187 33.47 -12.04 14.28
N ALA B 14 10.00 13.21 -34.67
CA ALA B 14 9.12 14.33 -34.36
C ALA B 14 9.51 14.97 -33.04
N ASP B 15 8.67 15.92 -32.58
CA ASP B 15 8.79 16.49 -31.25
C ASP B 15 7.51 16.27 -30.46
N ILE B 16 6.43 16.96 -30.79
CA ILE B 16 5.10 16.69 -30.25
C ILE B 16 4.21 16.38 -31.44
N ARG B 17 3.57 15.21 -31.41
CA ARG B 17 2.69 14.81 -32.50
C ARG B 17 1.60 13.89 -31.97
N ARG B 18 0.63 13.62 -32.84
CA ARG B 18 -0.46 12.70 -32.49
C ARG B 18 0.06 11.27 -32.40
N ALA B 19 -0.45 10.54 -31.42
CA ALA B 19 -0.03 9.15 -31.22
C ALA B 19 -0.51 8.28 -32.37
N THR B 20 0.27 7.23 -32.65
CA THR B 20 -0.06 6.29 -33.70
C THR B 20 0.04 4.87 -33.16
N GLU B 21 -0.51 3.92 -33.92
CA GLU B 21 -0.46 2.52 -33.53
C GLU B 21 0.97 2.08 -33.23
N ALA B 22 1.93 2.55 -34.02
CA ALA B 22 3.32 2.13 -33.86
C ALA B 22 3.98 2.72 -32.62
N ASP B 23 3.36 3.70 -31.97
CA ASP B 23 3.90 4.26 -30.74
C ASP B 23 3.47 3.49 -29.50
N MET B 24 2.43 2.67 -29.60
CA MET B 24 1.85 2.04 -28.41
C MET B 24 2.81 1.08 -27.73
N PRO B 25 3.63 0.29 -28.42
CA PRO B 25 4.62 -0.55 -27.71
C PRO B 25 5.52 0.27 -26.81
N ALA B 26 6.06 1.39 -27.31
CA ALA B 26 6.91 2.23 -26.48
C ALA B 26 6.11 2.86 -25.35
N VAL B 27 4.85 3.20 -25.59
CA VAL B 27 4.00 3.74 -24.53
C VAL B 27 3.70 2.65 -23.50
N CYS B 28 3.40 1.44 -23.97
CA CYS B 28 3.13 0.34 -23.06
C CYS B 28 4.33 0.07 -22.16
N THR B 29 5.55 0.25 -22.68
CA THR B 29 6.75 0.05 -21.87
C THR B 29 6.85 1.09 -20.77
N ILE B 30 6.57 2.35 -21.09
CA ILE B 30 6.73 3.42 -20.11
C ILE B 30 5.71 3.27 -18.98
N VAL B 31 4.45 3.02 -19.33
CA VAL B 31 3.40 2.95 -18.32
C VAL B 31 3.56 1.69 -17.48
N ASN B 32 3.89 0.56 -18.10
CA ASN B 32 4.09 -0.67 -17.35
C ASN B 32 5.15 -0.50 -16.27
N HIS B 33 6.14 0.36 -16.51
CA HIS B 33 7.17 0.60 -15.50
C HIS B 33 6.55 1.15 -14.22
N TYR B 34 5.68 2.14 -14.35
CA TYR B 34 5.06 2.74 -13.17
C TYR B 34 4.02 1.81 -12.55
N ILE B 35 3.42 0.92 -13.36
CA ILE B 35 2.52 -0.09 -12.81
C ILE B 35 3.29 -1.04 -11.90
N GLU B 36 4.54 -1.38 -12.27
CA GLU B 36 5.30 -2.36 -11.52
C GLU B 36 6.04 -1.75 -10.33
N THR B 37 6.45 -0.48 -10.45
CA THR B 37 7.40 0.10 -9.51
C THR B 37 6.86 1.25 -8.66
N SER B 38 5.62 1.70 -8.90
CA SER B 38 5.11 2.86 -8.21
C SER B 38 3.63 2.65 -7.86
N THR B 39 3.09 3.58 -7.08
CA THR B 39 1.68 3.60 -6.74
C THR B 39 0.94 4.77 -7.39
N VAL B 40 1.55 5.42 -8.38
CA VAL B 40 0.85 6.47 -9.11
C VAL B 40 -0.18 5.89 -10.06
N ASN B 41 -0.07 4.60 -10.36
CA ASN B 41 -1.03 3.89 -11.20
C ASN B 41 -1.55 2.70 -10.41
N PHE B 42 -2.86 2.66 -10.20
CA PHE B 42 -3.46 1.65 -9.32
C PHE B 42 -3.65 0.30 -9.99
N ARG B 43 -3.14 0.11 -11.21
CA ARG B 43 -3.07 -1.22 -11.77
C ARG B 43 -1.95 -2.00 -11.10
N THR B 44 -2.13 -3.33 -11.05
CA THR B 44 -1.09 -4.23 -10.57
C THR B 44 -0.53 -5.15 -11.65
N GLU B 45 -1.30 -5.39 -12.72
CA GLU B 45 -0.87 -6.23 -13.82
C GLU B 45 -0.33 -5.37 -14.95
N PRO B 46 0.82 -5.69 -15.53
CA PRO B 46 1.29 -4.94 -16.70
C PRO B 46 0.38 -5.17 -17.90
N GLN B 47 0.17 -4.12 -18.68
CA GLN B 47 -0.73 -4.19 -19.82
C GLN B 47 0.04 -4.65 -21.07
N GLU B 48 -0.73 -4.98 -22.11
CA GLU B 48 -0.14 -5.36 -23.39
C GLU B 48 -0.30 -4.23 -24.40
N PRO B 49 0.63 -4.10 -25.35
CA PRO B 49 0.56 -2.98 -26.30
C PRO B 49 -0.74 -2.91 -27.08
N GLN B 50 -1.44 -4.02 -27.28
CA GLN B 50 -2.68 -3.97 -28.04
C GLN B 50 -3.82 -3.35 -27.23
N GLU B 51 -3.80 -3.49 -25.90
N GLU B 51 -3.80 -3.49 -25.90
CA GLU B 51 -4.74 -2.77 -25.07
CA GLU B 51 -4.74 -2.77 -25.07
C GLU B 51 -4.65 -1.27 -25.32
C GLU B 51 -4.65 -1.27 -25.32
N TRP B 52 -3.44 -0.77 -25.54
CA TRP B 52 -3.26 0.64 -25.85
C TRP B 52 -3.74 0.97 -27.26
N THR B 53 -3.40 0.12 -28.23
CA THR B 53 -3.93 0.29 -29.58
C THR B 53 -5.45 0.22 -29.57
N ASP B 54 -6.02 -0.61 -28.69
CA ASP B 54 -7.47 -0.71 -28.60
C ASP B 54 -8.08 0.63 -28.20
N ASP B 55 -7.62 1.21 -27.09
CA ASP B 55 -8.15 2.49 -26.64
C ASP B 55 -7.79 3.61 -27.62
N LEU B 56 -6.62 3.53 -28.24
CA LEU B 56 -6.22 4.57 -29.19
C LEU B 56 -7.24 4.72 -30.31
N VAL B 57 -7.53 3.62 -31.00
CA VAL B 57 -8.43 3.69 -32.16
C VAL B 57 -9.81 4.15 -31.75
N ARG B 58 -10.27 3.73 -30.55
CA ARG B 58 -11.62 4.08 -30.14
C ARG B 58 -11.75 5.57 -29.84
N LEU B 59 -10.69 6.19 -29.31
CA LEU B 59 -10.79 7.53 -28.75
C LEU B 59 -10.09 8.60 -29.57
N ARG B 60 -9.17 8.23 -30.47
CA ARG B 60 -8.28 9.22 -31.06
C ARG B 60 -9.01 10.27 -31.90
N GLU B 61 -10.20 9.97 -32.41
CA GLU B 61 -10.93 10.94 -33.21
C GLU B 61 -11.71 11.94 -32.34
N ARG B 62 -12.12 11.51 -31.15
CA ARG B 62 -12.87 12.38 -30.24
C ARG B 62 -12.00 13.05 -29.19
N TYR B 63 -10.93 12.39 -28.75
CA TYR B 63 -10.04 12.92 -27.72
C TYR B 63 -8.61 12.99 -28.25
N PRO B 64 -7.83 13.99 -27.84
CA PRO B 64 -6.45 14.07 -28.30
C PRO B 64 -5.57 13.01 -27.63
N TRP B 65 -4.79 12.31 -28.45
CA TRP B 65 -3.78 11.37 -27.98
C TRP B 65 -2.44 11.80 -28.57
N LEU B 66 -1.53 12.24 -27.70
CA LEU B 66 -0.28 12.86 -28.12
C LEU B 66 0.91 12.15 -27.50
N VAL B 67 2.02 12.12 -28.25
CA VAL B 67 3.28 11.58 -27.77
C VAL B 67 4.36 12.64 -27.94
N ALA B 68 5.32 12.62 -27.03
CA ALA B 68 6.53 13.45 -27.13
C ALA B 68 7.70 12.56 -27.50
N GLU B 69 8.62 13.12 -28.29
CA GLU B 69 9.76 12.37 -28.79
C GLU B 69 11.06 13.09 -28.46
N VAL B 70 12.10 12.32 -28.16
CA VAL B 70 13.45 12.82 -27.94
C VAL B 70 14.40 11.93 -28.74
N ASP B 71 15.21 12.55 -29.59
CA ASP B 71 16.14 11.82 -30.45
C ASP B 71 15.40 10.80 -31.32
N GLY B 72 14.17 11.13 -31.72
CA GLY B 72 13.39 10.25 -32.55
C GLY B 72 12.74 9.09 -31.84
N GLU B 73 12.77 9.07 -30.51
CA GLU B 73 12.20 7.98 -29.72
C GLU B 73 11.09 8.50 -28.83
N VAL B 74 10.02 7.70 -28.68
CA VAL B 74 8.93 8.07 -27.80
C VAL B 74 9.46 8.21 -26.39
N ALA B 75 9.20 9.37 -25.76
CA ALA B 75 9.62 9.63 -24.41
C ALA B 75 8.47 9.91 -23.45
N GLY B 76 7.25 10.09 -23.93
CA GLY B 76 6.12 10.35 -23.06
C GLY B 76 4.84 10.41 -23.87
N ILE B 77 3.73 10.25 -23.15
CA ILE B 77 2.40 10.29 -23.76
C ILE B 77 1.48 11.15 -22.91
N ALA B 78 0.54 11.80 -23.58
CA ALA B 78 -0.52 12.55 -22.92
C ALA B 78 -1.79 12.32 -23.72
N TYR B 79 -2.84 11.83 -23.06
CA TYR B 79 -4.07 11.48 -23.75
C TYR B 79 -5.26 11.79 -22.85
N ALA B 80 -6.43 11.90 -23.47
CA ALA B 80 -7.67 12.18 -22.78
C ALA B 80 -8.70 11.13 -23.15
N GLY B 81 -9.71 11.00 -22.29
CA GLY B 81 -10.77 10.05 -22.50
C GLY B 81 -12.03 10.44 -21.75
N PRO B 82 -13.08 9.63 -21.90
CA PRO B 82 -14.32 9.91 -21.16
C PRO B 82 -14.12 9.77 -19.66
N TRP B 83 -14.77 10.64 -18.91
CA TRP B 83 -14.81 10.51 -17.46
C TRP B 83 -15.77 9.41 -17.03
N LYS B 84 -16.96 9.37 -17.61
CA LYS B 84 -17.95 8.37 -17.27
C LYS B 84 -18.91 8.21 -18.44
N ALA B 85 -19.35 6.98 -18.68
CA ALA B 85 -20.13 6.66 -19.87
C ALA B 85 -21.60 6.98 -19.71
N ARG B 86 -21.92 8.18 -19.20
CA ARG B 86 -23.28 8.68 -19.17
C ARG B 86 -23.31 10.05 -19.84
N ASN B 87 -24.27 10.25 -20.73
CA ASN B 87 -24.19 11.33 -21.71
C ASN B 87 -24.09 12.71 -21.08
N ALA B 88 -24.59 12.89 -19.86
CA ALA B 88 -24.45 14.20 -19.21
C ALA B 88 -22.99 14.56 -19.00
N TYR B 89 -22.12 13.55 -18.87
CA TYR B 89 -20.68 13.77 -18.67
C TYR B 89 -19.92 14.04 -19.97
N ASP B 90 -20.62 14.20 -21.10
CA ASP B 90 -19.93 14.19 -22.39
C ASP B 90 -18.99 15.38 -22.57
N TRP B 91 -19.28 16.50 -21.93
CA TRP B 91 -18.40 17.66 -21.98
C TRP B 91 -17.25 17.58 -20.98
N THR B 92 -17.13 16.47 -20.27
CA THR B 92 -16.15 16.30 -19.21
C THR B 92 -15.15 15.23 -19.64
N ALA B 93 -13.88 15.60 -19.72
CA ALA B 93 -12.83 14.68 -20.12
C ALA B 93 -11.94 14.36 -18.93
N GLU B 94 -11.28 13.21 -19.01
CA GLU B 94 -10.23 12.82 -18.08
C GLU B 94 -8.90 12.81 -18.79
N SER B 95 -7.87 13.35 -18.15
CA SER B 95 -6.56 13.51 -18.76
C SER B 95 -5.53 12.68 -18.02
N THR B 96 -4.50 12.26 -18.75
CA THR B 96 -3.44 11.42 -18.23
C THR B 96 -2.15 11.78 -18.95
N VAL B 97 -1.03 11.69 -18.22
CA VAL B 97 0.29 11.96 -18.80
C VAL B 97 1.33 11.09 -18.09
N TYR B 98 2.21 10.49 -18.87
CA TYR B 98 3.34 9.73 -18.35
C TYR B 98 4.58 10.11 -19.16
N VAL B 99 5.69 10.37 -18.46
CA VAL B 99 6.97 10.66 -19.08
C VAL B 99 7.95 9.58 -18.66
N SER B 100 8.83 9.19 -19.59
CA SER B 100 9.82 8.18 -19.28
C SER B 100 10.69 8.64 -18.11
N PRO B 101 11.05 7.75 -17.19
CA PRO B 101 11.95 8.16 -16.10
C PRO B 101 13.23 8.83 -16.57
N ARG B 102 13.73 8.45 -17.75
CA ARG B 102 14.97 9.02 -18.25
C ARG B 102 14.83 10.45 -18.73
N HIS B 103 13.60 10.97 -18.86
CA HIS B 103 13.38 12.31 -19.40
C HIS B 103 12.54 13.17 -18.47
N GLN B 104 12.52 12.88 -17.18
CA GLN B 104 11.71 13.67 -16.25
C GLN B 104 12.42 14.96 -15.88
N ARG B 105 11.64 15.96 -15.49
CA ARG B 105 12.15 17.24 -15.02
C ARG B 105 12.89 17.97 -16.13
N THR B 106 12.40 17.83 -17.36
CA THR B 106 12.97 18.52 -18.51
C THR B 106 11.90 19.26 -19.32
N GLY B 107 10.74 19.51 -18.73
CA GLY B 107 9.70 20.26 -19.39
C GLY B 107 8.86 19.47 -20.36
N LEU B 108 9.06 18.15 -20.46
CA LEU B 108 8.27 17.35 -21.40
C LEU B 108 6.84 17.20 -20.92
N GLY B 109 6.66 16.80 -19.65
CA GLY B 109 5.31 16.53 -19.17
C GLY B 109 4.41 17.74 -19.26
N SER B 110 4.84 18.87 -18.70
CA SER B 110 4.03 20.07 -18.73
C SER B 110 3.78 20.54 -20.16
N THR B 111 4.78 20.39 -21.03
CA THR B 111 4.61 20.79 -22.43
C THR B 111 3.62 19.87 -23.14
N LEU B 112 3.77 18.56 -22.96
CA LEU B 112 2.79 17.62 -23.47
C LEU B 112 1.39 17.99 -22.99
N TYR B 113 1.24 18.18 -21.67
CA TYR B 113 -0.08 18.44 -21.11
C TYR B 113 -0.67 19.74 -21.64
N THR B 114 0.18 20.76 -21.87
CA THR B 114 -0.32 22.04 -22.35
C THR B 114 -0.98 21.90 -23.72
N HIS B 115 -0.35 21.13 -24.61
CA HIS B 115 -0.97 20.90 -25.92
C HIS B 115 -2.22 20.06 -25.81
N LEU B 116 -2.26 19.12 -24.87
CA LEU B 116 -3.48 18.36 -24.63
C LEU B 116 -4.61 19.26 -24.16
N LEU B 117 -4.32 20.20 -23.26
CA LEU B 117 -5.35 21.07 -22.71
C LEU B 117 -5.85 22.06 -23.76
N LYS B 118 -4.93 22.66 -24.52
CA LYS B 118 -5.35 23.62 -25.54
C LYS B 118 -6.21 22.96 -26.60
N SER B 119 -6.03 21.65 -26.84
CA SER B 119 -6.89 20.94 -27.77
C SER B 119 -8.27 20.67 -27.16
N LEU B 120 -8.31 20.23 -25.90
CA LEU B 120 -9.61 19.98 -25.26
C LEU B 120 -10.43 21.25 -25.19
N GLU B 121 -9.81 22.39 -24.86
CA GLU B 121 -10.54 23.64 -24.80
C GLU B 121 -11.05 24.05 -26.17
N ALA B 122 -10.19 23.94 -27.20
CA ALA B 122 -10.60 24.31 -28.55
C ALA B 122 -11.69 23.38 -29.08
N GLN B 123 -11.72 22.13 -28.62
CA GLN B 123 -12.75 21.20 -29.05
C GLN B 123 -14.11 21.47 -28.42
N GLY B 124 -14.18 22.31 -27.39
CA GLY B 124 -15.43 22.63 -26.74
C GLY B 124 -15.75 21.84 -25.50
N PHE B 125 -14.78 21.14 -24.92
CA PHE B 125 -15.00 20.44 -23.66
C PHE B 125 -15.26 21.45 -22.54
N LYS B 126 -15.99 20.98 -21.52
CA LYS B 126 -16.33 21.83 -20.39
C LYS B 126 -15.20 21.86 -19.36
N SER B 127 -14.71 20.69 -18.96
CA SER B 127 -13.70 20.61 -17.93
C SER B 127 -12.86 19.36 -18.16
N VAL B 128 -11.74 19.30 -17.44
CA VAL B 128 -10.81 18.17 -17.51
C VAL B 128 -10.51 17.72 -16.09
N VAL B 129 -10.67 16.43 -15.82
CA VAL B 129 -10.50 15.86 -14.48
C VAL B 129 -9.25 14.99 -14.47
N ALA B 130 -8.48 15.11 -13.40
CA ALA B 130 -7.28 14.30 -13.20
C ALA B 130 -7.45 13.45 -11.95
N VAL B 131 -7.18 12.16 -12.08
CA VAL B 131 -7.26 11.19 -10.98
C VAL B 131 -5.83 10.87 -10.57
N ILE B 132 -5.40 11.36 -9.41
CA ILE B 132 -4.01 11.26 -8.96
C ILE B 132 -3.98 10.33 -7.75
N GLY B 133 -3.23 9.24 -7.87
CA GLY B 133 -2.98 8.36 -6.75
C GLY B 133 -1.95 8.94 -5.81
N LEU B 134 -2.31 9.09 -4.53
CA LEU B 134 -1.46 9.83 -3.61
C LEU B 134 -0.67 8.88 -2.72
N PRO B 135 0.57 9.24 -2.34
CA PRO B 135 1.23 10.53 -2.63
C PRO B 135 1.81 10.62 -4.05
N ASN B 136 1.73 11.81 -4.63
CA ASN B 136 2.32 12.07 -5.94
C ASN B 136 2.59 13.57 -6.08
N ASP B 137 3.59 14.07 -5.35
CA ASP B 137 3.86 15.50 -5.35
C ASP B 137 4.27 16.02 -6.73
N PRO B 138 5.06 15.31 -7.53
CA PRO B 138 5.37 15.82 -8.88
C PRO B 138 4.13 16.08 -9.72
N SER B 139 3.13 15.19 -9.65
CA SER B 139 1.93 15.36 -10.46
C SER B 139 1.02 16.43 -9.87
N VAL B 140 0.87 16.46 -8.54
CA VAL B 140 0.06 17.50 -7.91
C VAL B 140 0.57 18.88 -8.27
N ARG B 141 1.89 19.08 -8.16
CA ARG B 141 2.45 20.39 -8.48
C ARG B 141 2.29 20.73 -9.95
N MET B 142 2.48 19.75 -10.83
CA MET B 142 2.30 20.01 -12.26
C MET B 142 0.86 20.41 -12.56
N HIS B 143 -0.10 19.59 -12.11
CA HIS B 143 -1.51 19.89 -12.37
C HIS B 143 -1.89 21.26 -11.83
N GLU B 144 -1.55 21.54 -10.58
CA GLU B 144 -1.92 22.83 -9.99
C GLU B 144 -1.20 23.98 -10.67
N ALA B 145 -0.02 23.74 -11.22
CA ALA B 145 0.69 24.78 -11.97
C ALA B 145 -0.04 25.11 -13.27
N LEU B 146 -0.74 24.14 -13.85
CA LEU B 146 -1.44 24.33 -15.11
C LEU B 146 -2.87 24.82 -14.93
N GLY B 147 -3.33 25.02 -13.70
CA GLY B 147 -4.65 25.57 -13.44
C GLY B 147 -5.64 24.59 -12.85
N TYR B 148 -5.26 23.32 -12.67
CA TYR B 148 -6.15 22.37 -12.02
C TYR B 148 -6.40 22.78 -10.57
N ALA B 149 -7.64 22.60 -10.12
CA ALA B 149 -7.99 22.88 -8.75
C ALA B 149 -8.31 21.58 -8.01
N PRO B 150 -7.83 21.42 -6.77
CA PRO B 150 -8.18 20.22 -6.00
C PRO B 150 -9.66 20.21 -5.66
N ARG B 151 -10.32 19.08 -5.92
CA ARG B 151 -11.76 18.97 -5.75
C ARG B 151 -12.17 17.94 -4.70
N GLY B 152 -11.23 17.32 -4.01
CA GLY B 152 -11.51 16.33 -3.00
C GLY B 152 -10.65 15.10 -3.16
N MET B 153 -10.88 14.13 -2.28
CA MET B 153 -10.15 12.89 -2.33
C MET B 153 -10.93 11.83 -1.56
N LEU B 154 -10.77 10.58 -2.00
CA LEU B 154 -11.32 9.43 -1.31
C LEU B 154 -10.25 8.82 -0.40
N ARG B 155 -10.67 8.40 0.78
CA ARG B 155 -9.75 7.87 1.78
C ARG B 155 -9.50 6.38 1.54
N ALA B 156 -8.22 6.01 1.47
CA ALA B 156 -7.82 4.61 1.30
C ALA B 156 -8.58 3.94 0.16
N ALA B 157 -8.64 4.64 -0.97
CA ALA B 157 -9.36 4.12 -2.13
C ALA B 157 -8.67 2.92 -2.76
N GLY B 158 -7.37 2.76 -2.55
CA GLY B 158 -6.64 1.64 -3.11
C GLY B 158 -5.60 1.12 -2.16
N PHE B 159 -5.30 -0.17 -2.28
CA PHE B 159 -4.21 -0.80 -1.55
C PHE B 159 -3.20 -1.32 -2.57
N LYS B 160 -1.97 -0.84 -2.49
CA LYS B 160 -0.93 -1.27 -3.39
C LYS B 160 0.43 -1.10 -2.71
N HIS B 161 1.32 -2.06 -2.94
CA HIS B 161 2.69 -2.01 -2.43
C HIS B 161 2.70 -1.88 -0.90
N GLY B 162 1.92 -2.73 -0.24
CA GLY B 162 1.94 -2.84 1.20
C GLY B 162 1.37 -1.65 1.96
N ASN B 163 0.50 -0.85 1.35
CA ASN B 163 -0.06 0.29 2.05
C ASN B 163 -1.34 0.73 1.37
N TRP B 164 -2.21 1.36 2.16
CA TRP B 164 -3.39 2.02 1.61
C TRP B 164 -2.99 3.37 1.02
N HIS B 165 -3.69 3.77 -0.04
CA HIS B 165 -3.40 5.02 -0.72
C HIS B 165 -4.70 5.77 -1.01
N ASP B 166 -4.74 7.04 -0.63
CA ASP B 166 -5.83 7.90 -1.04
C ASP B 166 -5.72 8.22 -2.53
N VAL B 167 -6.83 8.68 -3.09
CA VAL B 167 -6.86 9.18 -4.46
C VAL B 167 -7.49 10.57 -4.43
N GLY B 168 -6.87 11.51 -5.14
CA GLY B 168 -7.38 12.87 -5.19
C GLY B 168 -7.92 13.24 -6.56
N PHE B 169 -8.82 14.21 -6.61
CA PHE B 169 -9.47 14.64 -7.85
C PHE B 169 -9.13 16.10 -8.11
N TRP B 170 -8.46 16.35 -9.24
CA TRP B 170 -8.12 17.69 -9.68
C TRP B 170 -8.92 18.02 -10.94
N GLN B 171 -9.45 19.24 -11.01
CA GLN B 171 -10.35 19.64 -12.08
C GLN B 171 -9.90 20.97 -12.67
N LEU B 172 -9.83 21.03 -13.99
CA LEU B 172 -9.54 22.25 -14.74
C LEU B 172 -10.81 22.67 -15.48
N ASP B 173 -11.28 23.88 -15.23
CA ASP B 173 -12.58 24.34 -15.69
C ASP B 173 -12.43 25.32 -16.84
N PHE B 174 -13.22 25.12 -17.89
CA PHE B 174 -13.34 26.06 -19.00
C PHE B 174 -14.68 26.77 -18.91
N SER B 175 -14.93 27.66 -19.88
CA SER B 175 -16.20 28.37 -19.99
C SER B 175 -16.74 28.17 -21.40
N LEU B 176 -18.04 27.85 -21.49
CA LEU B 176 -18.66 27.52 -22.76
C LEU B 176 -19.80 28.47 -23.07
N PRO B 177 -20.12 28.68 -24.35
CA PRO B 177 -21.36 29.38 -24.70
C PRO B 177 -22.56 28.67 -24.11
N VAL B 178 -23.61 29.43 -23.84
CA VAL B 178 -24.90 28.90 -23.41
C VAL B 178 -25.91 29.20 -24.51
N PRO B 179 -26.65 28.20 -25.03
CA PRO B 179 -26.59 26.80 -24.62
C PRO B 179 -25.33 26.09 -25.15
N PRO B 180 -24.88 25.05 -24.46
CA PRO B 180 -23.65 24.38 -24.89
C PRO B 180 -23.81 23.77 -26.28
N ARG B 181 -22.74 23.86 -27.07
CA ARG B 181 -22.69 23.21 -28.37
C ARG B 181 -22.04 21.85 -28.26
N PRO B 182 -22.26 20.97 -29.24
CA PRO B 182 -21.59 19.66 -29.20
C PRO B 182 -20.08 19.81 -29.27
N VAL B 183 -19.39 18.90 -28.59
CA VAL B 183 -17.93 18.88 -28.64
C VAL B 183 -17.48 18.50 -30.05
N LEU B 184 -16.43 19.18 -30.53
CA LEU B 184 -15.89 18.93 -31.86
C LEU B 184 -14.87 17.79 -31.83
N PRO B 185 -14.79 17.01 -32.91
CA PRO B 185 -13.74 15.98 -32.97
C PRO B 185 -12.38 16.62 -33.23
N VAL B 186 -11.34 15.85 -32.90
CA VAL B 186 -9.97 16.36 -33.06
C VAL B 186 -9.68 16.68 -34.51
N THR B 187 -10.27 15.93 -35.44
CA THR B 187 -10.01 16.11 -36.86
C THR B 187 -9.99 17.58 -37.27
N PRO C 13 21.19 -6.36 15.39
CA PRO C 13 20.78 -7.05 14.17
C PRO C 13 20.31 -8.48 14.43
N ALA C 14 19.04 -8.76 14.16
CA ALA C 14 18.48 -10.08 14.42
C ALA C 14 17.59 -10.50 13.26
N ASP C 15 17.75 -11.74 12.80
CA ASP C 15 16.89 -12.31 11.78
C ASP C 15 15.64 -12.86 12.45
N ILE C 16 14.51 -12.23 12.22
CA ILE C 16 13.21 -12.72 12.70
C ILE C 16 12.67 -13.68 11.64
N ARG C 17 12.36 -14.90 12.06
CA ARG C 17 11.89 -15.91 11.12
C ARG C 17 10.96 -16.87 11.85
N ARG C 18 10.27 -17.71 11.08
CA ARG C 18 9.38 -18.71 11.64
C ARG C 18 10.18 -19.77 12.38
N ALA C 19 9.64 -20.19 13.52
CA ALA C 19 10.31 -21.20 14.35
C ALA C 19 10.23 -22.58 13.68
N THR C 20 11.30 -23.36 13.86
CA THR C 20 11.37 -24.72 13.35
C THR C 20 11.58 -25.69 14.51
N GLU C 21 11.48 -26.98 14.20
CA GLU C 21 11.67 -28.00 15.23
C GLU C 21 13.11 -28.00 15.73
N ALA C 22 14.05 -27.56 14.91
CA ALA C 22 15.45 -27.53 15.30
C ALA C 22 15.76 -26.38 16.25
N ASP C 23 14.88 -25.40 16.38
CA ASP C 23 15.07 -24.29 17.30
C ASP C 23 14.59 -24.59 18.72
N MET C 24 13.86 -25.67 18.92
CA MET C 24 13.13 -25.90 20.16
C MET C 24 14.05 -26.26 21.32
N PRO C 25 15.11 -27.04 21.11
CA PRO C 25 16.08 -27.24 22.21
C PRO C 25 16.60 -25.94 22.77
N ALA C 26 16.91 -24.96 21.90
CA ALA C 26 17.38 -23.67 22.37
C ALA C 26 16.26 -22.88 23.06
N VAL C 27 15.06 -22.88 22.46
CA VAL C 27 13.92 -22.21 23.09
C VAL C 27 13.65 -22.81 24.47
N CYS C 28 13.65 -24.13 24.55
CA CYS C 28 13.39 -24.80 25.83
C CYS C 28 14.42 -24.39 26.87
N THR C 29 15.69 -24.25 26.46
CA THR C 29 16.73 -23.82 27.39
C THR C 29 16.44 -22.42 27.94
N ILE C 30 16.04 -21.51 27.06
CA ILE C 30 15.79 -20.13 27.49
C ILE C 30 14.65 -20.08 28.49
N VAL C 31 13.50 -20.67 28.13
CA VAL C 31 12.33 -20.58 29.00
C VAL C 31 12.56 -21.32 30.30
N ASN C 32 13.27 -22.45 30.27
CA ASN C 32 13.57 -23.17 31.50
C ASN C 32 14.36 -22.31 32.47
N HIS C 33 15.21 -21.42 31.96
CA HIS C 33 15.95 -20.53 32.85
C HIS C 33 15.01 -19.62 33.63
N TYR C 34 13.95 -19.13 32.98
CA TYR C 34 13.02 -18.25 33.68
C TYR C 34 12.04 -19.02 34.56
N ILE C 35 11.73 -20.27 34.21
CA ILE C 35 10.91 -21.09 35.09
C ILE C 35 11.60 -21.27 36.43
N GLU C 36 12.90 -21.56 36.41
CA GLU C 36 13.63 -21.84 37.62
C GLU C 36 13.96 -20.57 38.41
N THR C 37 14.35 -19.51 37.72
CA THR C 37 14.88 -18.32 38.36
C THR C 37 13.86 -17.21 38.61
N SER C 38 12.66 -17.30 38.04
CA SER C 38 11.71 -16.20 38.11
C SER C 38 10.29 -16.71 38.24
N THR C 39 9.41 -15.81 38.66
CA THR C 39 7.97 -16.05 38.71
C THR C 39 7.24 -15.49 37.49
N VAL C 40 7.99 -15.12 36.45
CA VAL C 40 7.39 -14.69 35.19
C VAL C 40 6.54 -15.79 34.59
N ASN C 41 6.89 -17.03 34.85
CA ASN C 41 6.20 -18.20 34.33
C ASN C 41 5.76 -19.04 35.53
N PHE C 42 4.49 -19.44 35.54
CA PHE C 42 3.92 -20.13 36.70
C PHE C 42 4.16 -21.64 36.66
N ARG C 43 4.97 -22.13 35.72
CA ARG C 43 5.43 -23.50 35.80
C ARG C 43 6.44 -23.65 36.93
N THR C 44 6.44 -24.82 37.54
CA THR C 44 7.38 -25.14 38.62
C THR C 44 8.28 -26.31 38.26
N GLU C 45 8.30 -26.73 36.99
CA GLU C 45 8.99 -27.91 36.56
C GLU C 45 9.53 -27.60 35.17
N PRO C 46 10.80 -27.88 34.89
CA PRO C 46 11.34 -27.59 33.56
C PRO C 46 10.69 -28.48 32.50
N GLN C 47 10.72 -27.98 31.27
CA GLN C 47 10.14 -28.68 30.13
C GLN C 47 11.23 -29.36 29.32
N GLU C 48 10.80 -30.29 28.46
CA GLU C 48 11.67 -30.98 27.53
C GLU C 48 11.47 -30.45 26.12
N PRO C 49 12.48 -30.53 25.25
CA PRO C 49 12.33 -29.95 23.91
C PRO C 49 11.15 -30.51 23.13
N GLN C 50 10.83 -31.78 23.30
CA GLN C 50 9.77 -32.39 22.49
C GLN C 50 8.40 -31.79 22.81
N GLU C 51 8.16 -31.49 24.09
CA GLU C 51 6.90 -30.84 24.46
C GLU C 51 6.74 -29.52 23.73
N TRP C 52 7.84 -28.77 23.59
CA TRP C 52 7.80 -27.54 22.80
C TRP C 52 7.52 -27.85 21.34
N THR C 53 8.20 -28.85 20.78
CA THR C 53 7.99 -29.22 19.39
C THR C 53 6.52 -29.60 19.14
N ASP C 54 5.91 -30.30 20.10
CA ASP C 54 4.53 -30.73 19.92
C ASP C 54 3.59 -29.53 19.80
N ASP C 55 3.77 -28.52 20.66
CA ASP C 55 2.93 -27.34 20.58
C ASP C 55 3.14 -26.58 19.28
N LEU C 56 4.39 -26.45 18.85
CA LEU C 56 4.70 -25.74 17.61
C LEU C 56 3.97 -26.37 16.43
N VAL C 57 4.15 -27.68 16.22
CA VAL C 57 3.55 -28.34 15.08
C VAL C 57 2.04 -28.22 15.13
N ARG C 58 1.46 -28.26 16.33
CA ARG C 58 0.01 -28.17 16.47
C ARG C 58 -0.53 -26.77 16.22
N LEU C 59 0.30 -25.73 16.35
CA LEU C 59 -0.18 -24.36 16.35
C LEU C 59 0.42 -23.47 15.28
N ARG C 60 1.52 -23.85 14.64
CA ARG C 60 2.27 -22.90 13.82
C ARG C 60 1.56 -22.55 12.52
N GLU C 61 0.71 -23.42 11.99
CA GLU C 61 -0.04 -23.08 10.78
C GLU C 61 -1.17 -22.11 11.07
N ARG C 62 -1.70 -22.14 12.30
CA ARG C 62 -2.83 -21.31 12.69
C ARG C 62 -2.44 -20.10 13.51
N TYR C 63 -1.35 -20.17 14.28
CA TYR C 63 -0.84 -19.06 15.04
C TYR C 63 0.63 -18.82 14.68
N PRO C 64 1.08 -17.57 14.69
CA PRO C 64 2.49 -17.30 14.36
C PRO C 64 3.42 -17.72 15.49
N TRP C 65 4.49 -18.44 15.12
CA TRP C 65 5.56 -18.81 16.03
C TRP C 65 6.87 -18.31 15.41
N LEU C 66 7.54 -17.39 16.10
CA LEU C 66 8.70 -16.70 15.56
C LEU C 66 9.87 -16.80 16.53
N VAL C 67 11.06 -16.98 15.97
CA VAL C 67 12.32 -16.91 16.72
C VAL C 67 13.16 -15.80 16.13
N ALA C 68 14.11 -15.33 16.94
CA ALA C 68 15.05 -14.29 16.54
C ALA C 68 16.45 -14.90 16.57
N GLU C 69 17.07 -15.04 15.40
CA GLU C 69 18.41 -15.56 15.29
C GLU C 69 19.41 -14.41 15.32
N VAL C 70 20.48 -14.59 16.11
CA VAL C 70 21.52 -13.58 16.27
C VAL C 70 22.86 -14.29 16.25
N ASP C 71 23.72 -13.92 15.30
CA ASP C 71 25.02 -14.57 15.14
C ASP C 71 24.85 -16.09 15.04
N GLY C 72 23.78 -16.52 14.38
CA GLY C 72 23.52 -17.93 14.17
C GLY C 72 22.86 -18.64 15.34
N GLU C 73 22.61 -17.95 16.45
CA GLU C 73 22.05 -18.56 17.65
C GLU C 73 20.65 -18.03 17.91
N VAL C 74 19.80 -18.89 18.46
CA VAL C 74 18.45 -18.50 18.86
C VAL C 74 18.56 -17.60 20.09
N ALA C 75 18.05 -16.37 19.97
CA ALA C 75 18.14 -15.39 21.05
C ALA C 75 16.79 -15.09 21.69
N GLY C 76 15.69 -15.57 21.13
CA GLY C 76 14.39 -15.30 21.70
C GLY C 76 13.30 -15.96 20.88
N ILE C 77 12.12 -16.04 21.48
CA ILE C 77 10.94 -16.60 20.82
C ILE C 77 9.74 -15.72 21.14
N ALA C 78 8.82 -15.66 20.19
CA ALA C 78 7.51 -15.05 20.39
C ALA C 78 6.48 -15.86 19.63
N TYR C 79 5.44 -16.33 20.32
CA TYR C 79 4.46 -17.22 19.73
C TYR C 79 3.07 -16.89 20.27
N ALA C 80 2.06 -17.43 19.60
CA ALA C 80 0.67 -17.22 19.98
C ALA C 80 -0.04 -18.57 20.00
N GLY C 81 -1.17 -18.59 20.70
CA GLY C 81 -2.00 -19.77 20.78
C GLY C 81 -3.44 -19.40 21.11
N PRO C 82 -4.29 -20.41 21.28
CA PRO C 82 -5.69 -20.13 21.64
C PRO C 82 -5.82 -19.65 23.07
N TRP C 83 -6.83 -18.81 23.30
CA TRP C 83 -7.13 -18.37 24.66
C TRP C 83 -7.92 -19.44 25.41
N LYS C 84 -8.97 -19.98 24.77
CA LYS C 84 -9.79 -21.01 25.41
C LYS C 84 -10.48 -21.81 24.32
N ALA C 85 -10.60 -23.12 24.55
CA ALA C 85 -11.09 -24.04 23.54
C ALA C 85 -12.62 -24.07 23.50
N ARG C 86 -13.20 -22.91 23.24
CA ARG C 86 -14.62 -22.79 22.94
C ARG C 86 -14.78 -21.86 21.75
N ASN C 87 -15.68 -22.23 20.84
CA ASN C 87 -15.64 -21.68 19.48
C ASN C 87 -15.77 -20.17 19.45
N ALA C 88 -16.55 -19.58 20.37
CA ALA C 88 -16.73 -18.13 20.32
C ALA C 88 -15.41 -17.41 20.54
N TYR C 89 -14.46 -18.04 21.24
CA TYR C 89 -13.14 -17.46 21.49
C TYR C 89 -12.21 -17.55 20.29
N ASP C 90 -12.67 -18.09 19.15
CA ASP C 90 -11.76 -18.44 18.07
C ASP C 90 -11.02 -17.22 17.54
N TRP C 91 -11.59 -16.03 17.71
CA TRP C 91 -10.92 -14.80 17.26
C TRP C 91 -10.08 -14.16 18.37
N THR C 92 -9.93 -14.84 19.50
CA THR C 92 -9.15 -14.34 20.63
C THR C 92 -7.89 -15.19 20.77
N ALA C 93 -6.73 -14.56 20.66
CA ALA C 93 -5.45 -15.23 20.76
C ALA C 93 -4.73 -14.83 22.05
N GLU C 94 -3.81 -15.68 22.47
CA GLU C 94 -2.91 -15.39 23.59
C GLU C 94 -1.49 -15.34 23.08
N SER C 95 -0.73 -14.35 23.54
CA SER C 95 0.62 -14.09 23.06
C SER C 95 1.63 -14.30 24.18
N THR C 96 2.86 -14.67 23.78
CA THR C 96 3.95 -14.94 24.70
C THR C 96 5.26 -14.57 24.03
N VAL C 97 6.23 -14.10 24.83
CA VAL C 97 7.53 -13.71 24.31
C VAL C 97 8.58 -13.91 25.39
N TYR C 98 9.72 -14.50 25.01
CA TYR C 98 10.85 -14.73 25.90
C TYR C 98 12.13 -14.39 25.16
N VAL C 99 13.02 -13.66 25.81
CA VAL C 99 14.32 -13.29 25.25
C VAL C 99 15.40 -13.88 26.14
N SER C 100 16.49 -14.33 25.52
CA SER C 100 17.57 -14.94 26.28
C SER C 100 18.11 -13.94 27.29
N PRO C 101 18.54 -14.39 28.48
CA PRO C 101 18.93 -13.44 29.54
C PRO C 101 20.21 -12.67 29.25
N ARG C 102 20.93 -12.98 28.17
CA ARG C 102 22.10 -12.20 27.77
C ARG C 102 21.81 -11.22 26.65
N HIS C 103 20.65 -11.31 25.99
CA HIS C 103 20.29 -10.43 24.90
C HIS C 103 19.15 -9.48 25.27
N GLN C 104 18.89 -9.29 26.57
CA GLN C 104 17.78 -8.46 26.99
C GLN C 104 18.10 -6.98 26.76
N ARG C 105 17.03 -6.20 26.64
CA ARG C 105 17.12 -4.74 26.51
C ARG C 105 17.89 -4.32 25.26
N THR C 106 17.88 -5.15 24.23
CA THR C 106 18.45 -4.80 22.94
C THR C 106 17.40 -4.67 21.85
N GLY C 107 16.12 -4.68 22.22
CA GLY C 107 15.04 -4.49 21.27
C GLY C 107 14.51 -5.76 20.62
N LEU C 108 15.03 -6.93 21.02
CA LEU C 108 14.57 -8.18 20.41
C LEU C 108 13.13 -8.49 20.78
N GLY C 109 12.78 -8.31 22.06
CA GLY C 109 11.42 -8.60 22.48
C GLY C 109 10.39 -7.78 21.74
N SER C 110 10.65 -6.47 21.61
CA SER C 110 9.72 -5.61 20.90
C SER C 110 9.68 -5.93 19.42
N THR C 111 10.83 -6.24 18.81
CA THR C 111 10.85 -6.58 17.40
C THR C 111 10.08 -7.86 17.14
N LEU C 112 10.33 -8.90 17.95
CA LEU C 112 9.60 -10.14 17.83
C LEU C 112 8.09 -9.91 17.96
N TYR C 113 7.68 -9.19 19.01
CA TYR C 113 6.26 -8.97 19.25
C TYR C 113 5.62 -8.16 18.13
N THR C 114 6.33 -7.15 17.63
CA THR C 114 5.78 -6.36 16.53
C THR C 114 5.48 -7.23 15.33
N HIS C 115 6.39 -8.15 14.99
CA HIS C 115 6.13 -9.07 13.90
C HIS C 115 4.98 -10.02 14.23
N LEU C 116 4.93 -10.49 15.48
CA LEU C 116 3.84 -11.36 15.89
C LEU C 116 2.48 -10.67 15.74
N LEU C 117 2.40 -9.41 16.18
CA LEU C 117 1.11 -8.72 16.21
C LEU C 117 0.63 -8.38 14.80
N LYS C 118 1.54 -8.04 13.89
CA LYS C 118 1.13 -7.74 12.53
C LYS C 118 0.57 -8.98 11.83
N SER C 119 1.17 -10.15 12.09
CA SER C 119 0.62 -11.39 11.57
C SER C 119 -0.78 -11.63 12.13
N LEU C 120 -0.93 -11.55 13.46
CA LEU C 120 -2.23 -11.76 14.08
C LEU C 120 -3.28 -10.81 13.52
N GLU C 121 -2.89 -9.56 13.30
CA GLU C 121 -3.84 -8.57 12.78
C GLU C 121 -4.21 -8.87 11.34
N ALA C 122 -3.22 -9.17 10.50
CA ALA C 122 -3.50 -9.50 9.11
C ALA C 122 -4.32 -10.78 8.99
N GLN C 123 -4.14 -11.71 9.92
CA GLN C 123 -4.91 -12.96 9.89
C GLN C 123 -6.38 -12.76 10.19
N GLY C 124 -6.74 -11.65 10.83
CA GLY C 124 -8.13 -11.36 11.14
C GLY C 124 -8.55 -11.66 12.56
N PHE C 125 -7.61 -11.70 13.50
CA PHE C 125 -7.99 -11.87 14.89
C PHE C 125 -8.65 -10.60 15.43
N LYS C 126 -9.47 -10.78 16.46
CA LYS C 126 -10.13 -9.66 17.12
C LYS C 126 -9.25 -9.01 18.19
N SER C 127 -8.56 -9.81 19.00
CA SER C 127 -7.74 -9.27 20.07
C SER C 127 -6.65 -10.29 20.42
N VAL C 128 -5.67 -9.81 21.17
CA VAL C 128 -4.57 -10.63 21.66
C VAL C 128 -4.45 -10.38 23.16
N VAL C 129 -4.40 -11.45 23.95
CA VAL C 129 -4.38 -11.38 25.40
C VAL C 129 -3.02 -11.85 25.91
N ALA C 130 -2.49 -11.12 26.89
CA ALA C 130 -1.25 -11.49 27.57
C ALA C 130 -1.55 -11.74 29.04
N VAL C 131 -1.05 -12.87 29.56
CA VAL C 131 -1.22 -13.25 30.96
C VAL C 131 0.14 -13.09 31.62
N ILE C 132 0.28 -12.07 32.47
CA ILE C 132 1.56 -11.71 33.06
C ILE C 132 1.53 -12.09 34.54
N GLY C 133 2.49 -12.91 34.96
CA GLY C 133 2.69 -13.19 36.37
C GLY C 133 3.38 -12.04 37.06
N LEU C 134 2.73 -11.47 38.08
CA LEU C 134 3.22 -10.23 38.67
C LEU C 134 3.97 -10.50 39.96
N PRO C 135 4.99 -9.68 40.29
CA PRO C 135 5.41 -8.48 39.54
C PRO C 135 6.28 -8.80 38.33
N ASN C 136 6.22 -7.94 37.32
CA ASN C 136 7.02 -8.10 36.11
C ASN C 136 7.04 -6.79 35.34
N ASP C 137 7.73 -5.78 35.88
CA ASP C 137 7.74 -4.47 35.26
C ASP C 137 8.26 -4.49 33.83
N PRO C 138 9.33 -5.22 33.49
CA PRO C 138 9.78 -5.25 32.09
C PRO C 138 8.69 -5.69 31.12
N SER C 139 7.92 -6.73 31.45
CA SER C 139 6.89 -7.21 30.54
C SER C 139 5.67 -6.30 30.51
N VAL C 140 5.29 -5.75 31.66
CA VAL C 140 4.17 -4.81 31.71
C VAL C 140 4.45 -3.62 30.80
N ARG C 141 5.62 -3.00 30.96
CA ARG C 141 5.91 -1.77 30.23
C ARG C 141 6.17 -2.05 28.75
N MET C 142 6.69 -3.24 28.41
CA MET C 142 6.80 -3.60 27.00
C MET C 142 5.44 -3.76 26.37
N HIS C 143 4.55 -4.53 27.02
CA HIS C 143 3.21 -4.74 26.47
C HIS C 143 2.46 -3.43 26.32
N GLU C 144 2.54 -2.56 27.34
CA GLU C 144 1.82 -1.30 27.28
C GLU C 144 2.44 -0.35 26.26
N ALA C 145 3.75 -0.48 26.02
CA ALA C 145 4.39 0.31 24.98
C ALA C 145 3.93 -0.09 23.58
N LEU C 146 3.48 -1.33 23.41
CA LEU C 146 3.03 -1.82 22.11
C LEU C 146 1.52 -1.79 21.96
N GLY C 147 0.80 -1.16 22.89
CA GLY C 147 -0.62 -0.94 22.75
C GLY C 147 -1.50 -1.82 23.60
N TYR C 148 -0.93 -2.79 24.31
CA TYR C 148 -1.74 -3.62 25.20
C TYR C 148 -2.32 -2.78 26.31
N ALA C 149 -3.61 -2.99 26.59
CA ALA C 149 -4.29 -2.25 27.64
C ALA C 149 -4.58 -3.16 28.83
N PRO C 150 -4.36 -2.69 30.06
CA PRO C 150 -4.69 -3.52 31.23
C PRO C 150 -6.18 -3.78 31.34
N ARG C 151 -6.54 -5.01 31.65
CA ARG C 151 -7.92 -5.46 31.67
C ARG C 151 -8.36 -6.04 33.00
N GLY C 152 -7.49 -6.71 33.74
CA GLY C 152 -7.91 -7.34 34.99
C GLY C 152 -6.73 -7.92 35.72
N MET C 153 -7.02 -8.43 36.92
CA MET C 153 -5.99 -9.04 37.75
C MET C 153 -6.67 -10.00 38.73
N LEU C 154 -6.18 -11.23 38.78
CA LEU C 154 -6.61 -12.19 39.79
C LEU C 154 -5.60 -12.19 40.93
N ARG C 155 -6.09 -12.15 42.16
CA ARG C 155 -5.24 -11.99 43.33
C ARG C 155 -4.80 -13.36 43.84
N ALA C 156 -3.50 -13.48 44.13
CA ALA C 156 -2.92 -14.70 44.67
C ALA C 156 -3.32 -15.91 43.82
N ALA C 157 -3.31 -15.73 42.50
CA ALA C 157 -3.71 -16.79 41.59
C ALA C 157 -2.72 -17.94 41.58
N GLY C 158 -1.48 -17.71 42.00
CA GLY C 158 -0.48 -18.76 42.02
C GLY C 158 0.42 -18.62 43.23
N PHE C 159 0.92 -19.75 43.70
CA PHE C 159 1.98 -19.79 44.71
C PHE C 159 3.24 -20.31 44.02
N LYS C 160 4.24 -19.45 43.90
CA LYS C 160 5.53 -19.84 43.34
C LYS C 160 6.63 -19.10 44.06
N HIS C 161 7.72 -19.81 44.34
CA HIS C 161 8.90 -19.23 44.98
C HIS C 161 8.57 -18.65 46.34
N GLY C 162 7.80 -19.40 47.12
CA GLY C 162 7.55 -19.07 48.51
C GLY C 162 6.60 -17.93 48.76
N ASN C 163 5.83 -17.50 47.77
CA ASN C 163 4.92 -16.38 47.95
C ASN C 163 3.73 -16.54 47.01
N TRP C 164 2.63 -15.89 47.37
CA TRP C 164 1.49 -15.76 46.48
C TRP C 164 1.75 -14.63 45.49
N HIS C 165 1.39 -14.87 44.23
CA HIS C 165 1.62 -13.90 43.17
C HIS C 165 0.33 -13.66 42.39
N ASP C 166 -0.03 -12.40 42.21
CA ASP C 166 -1.17 -12.06 41.37
C ASP C 166 -0.81 -12.28 39.89
N VAL C 167 -1.85 -12.43 39.09
CA VAL C 167 -1.71 -12.50 37.64
C VAL C 167 -2.57 -11.41 37.03
N GLY C 168 -2.05 -10.76 35.99
CA GLY C 168 -2.75 -9.67 35.33
C GLY C 168 -3.01 -9.98 33.87
N PHE C 169 -4.11 -9.45 33.35
CA PHE C 169 -4.50 -9.62 31.96
C PHE C 169 -4.30 -8.30 31.22
N TRP C 170 -3.59 -8.36 30.11
CA TRP C 170 -3.45 -7.24 29.18
C TRP C 170 -4.00 -7.67 27.83
N GLN C 171 -4.67 -6.75 27.14
CA GLN C 171 -5.36 -7.06 25.90
C GLN C 171 -5.10 -5.98 24.86
N LEU C 172 -4.83 -6.42 23.63
CA LEU C 172 -4.66 -5.52 22.48
C LEU C 172 -5.77 -5.82 21.49
N ASP C 173 -6.56 -4.80 21.16
CA ASP C 173 -7.77 -4.97 20.38
C ASP C 173 -7.55 -4.58 18.93
N PHE C 174 -8.07 -5.40 18.03
CA PHE C 174 -8.17 -5.08 16.61
C PHE C 174 -9.64 -4.86 16.24
N SER C 175 -9.86 -4.30 15.06
CA SER C 175 -11.19 -3.90 14.62
C SER C 175 -11.73 -4.93 13.64
N LEU C 176 -12.86 -5.53 13.98
CA LEU C 176 -13.53 -6.49 13.11
C LEU C 176 -15.02 -6.15 13.00
N PRO C 177 -15.64 -6.46 11.85
CA PRO C 177 -17.07 -6.16 11.69
C PRO C 177 -17.97 -7.16 12.38
N VAL C 178 -19.27 -7.13 12.06
CA VAL C 178 -20.24 -8.06 12.61
C VAL C 178 -21.08 -8.61 11.47
N PRO C 179 -20.97 -9.91 11.13
CA PRO C 179 -20.15 -10.94 11.76
C PRO C 179 -18.70 -10.90 11.28
N PRO C 180 -17.79 -11.53 12.03
CA PRO C 180 -16.39 -11.62 11.58
C PRO C 180 -16.16 -12.83 10.68
N ARG C 181 -15.26 -12.65 9.73
CA ARG C 181 -14.88 -13.74 8.85
C ARG C 181 -13.97 -14.71 9.60
N PRO C 182 -13.98 -15.99 9.22
CA PRO C 182 -13.01 -16.92 9.81
C PRO C 182 -11.58 -16.46 9.57
N VAL C 183 -10.77 -16.52 10.63
CA VAL C 183 -9.42 -15.98 10.56
C VAL C 183 -8.58 -16.81 9.59
N LEU C 184 -7.58 -16.16 9.00
CA LEU C 184 -6.69 -16.82 8.07
C LEU C 184 -5.58 -17.57 8.80
N PRO C 185 -5.12 -18.68 8.26
CA PRO C 185 -3.89 -19.30 8.78
C PRO C 185 -2.67 -18.46 8.42
N VAL C 186 -1.54 -18.83 9.03
CA VAL C 186 -0.33 -18.03 8.90
C VAL C 186 0.08 -17.93 7.43
N THR C 187 0.13 -19.06 6.74
CA THR C 187 0.50 -19.10 5.34
C THR C 187 -0.48 -18.29 4.49
N PRO D 13 -44.49 -3.38 4.93
CA PRO D 13 -43.70 -4.62 5.01
C PRO D 13 -43.14 -5.02 3.65
N ALA D 14 -41.85 -5.35 3.60
CA ALA D 14 -41.16 -5.56 2.33
C ALA D 14 -40.27 -6.80 2.40
N ASP D 15 -40.38 -7.65 1.39
CA ASP D 15 -39.47 -8.78 1.22
C ASP D 15 -38.17 -8.29 0.60
N ILE D 16 -37.06 -8.43 1.34
CA ILE D 16 -35.75 -7.98 0.90
C ILE D 16 -34.97 -9.23 0.47
N ARG D 17 -34.91 -9.48 -0.83
CA ARG D 17 -34.29 -10.69 -1.36
C ARG D 17 -33.24 -10.31 -2.41
N ARG D 18 -32.52 -11.33 -2.87
CA ARG D 18 -31.51 -11.12 -3.90
C ARG D 18 -32.16 -10.90 -5.26
N ALA D 19 -31.64 -9.93 -6.01
CA ALA D 19 -32.22 -9.58 -7.29
C ALA D 19 -32.06 -10.71 -8.30
N THR D 20 -33.12 -10.92 -9.09
CA THR D 20 -33.12 -11.88 -10.18
C THR D 20 -33.25 -11.13 -11.51
N GLU D 21 -32.84 -11.81 -12.58
CA GLU D 21 -33.03 -11.25 -13.92
C GLU D 21 -34.50 -10.96 -14.18
N ALA D 22 -35.41 -11.70 -13.55
CA ALA D 22 -36.84 -11.46 -13.74
C ALA D 22 -37.29 -10.15 -13.11
N ASP D 23 -36.51 -9.60 -12.17
CA ASP D 23 -36.83 -8.31 -11.57
C ASP D 23 -36.34 -7.12 -12.39
N MET D 24 -35.47 -7.35 -13.37
CA MET D 24 -34.77 -6.26 -14.04
C MET D 24 -35.68 -5.42 -14.92
N PRO D 25 -36.65 -6.02 -15.63
CA PRO D 25 -37.62 -5.17 -16.35
C PRO D 25 -38.31 -4.17 -15.44
N ALA D 26 -38.78 -4.61 -14.28
CA ALA D 26 -39.39 -3.68 -13.33
C ALA D 26 -38.39 -2.64 -12.84
N VAL D 27 -37.16 -3.08 -12.55
CA VAL D 27 -36.15 -2.12 -12.11
C VAL D 27 -35.87 -1.10 -13.20
N CYS D 28 -35.75 -1.56 -14.45
CA CYS D 28 -35.48 -0.64 -15.55
C CYS D 28 -36.55 0.43 -15.65
N THR D 29 -37.81 0.07 -15.45
CA THR D 29 -38.89 1.04 -15.51
C THR D 29 -38.76 2.08 -14.38
N ILE D 30 -38.33 1.63 -13.19
CA ILE D 30 -38.19 2.54 -12.06
C ILE D 30 -37.10 3.56 -12.35
N VAL D 31 -35.91 3.10 -12.71
CA VAL D 31 -34.78 4.01 -12.91
C VAL D 31 -35.04 4.92 -14.09
N ASN D 32 -35.70 4.41 -15.14
CA ASN D 32 -35.98 5.24 -16.30
C ASN D 32 -36.87 6.43 -15.94
N HIS D 33 -37.80 6.23 -15.00
CA HIS D 33 -38.62 7.35 -14.55
C HIS D 33 -37.76 8.48 -14.02
N TYR D 34 -36.72 8.15 -13.26
CA TYR D 34 -35.85 9.18 -12.68
C TYR D 34 -34.86 9.72 -13.70
N ILE D 35 -34.49 8.91 -14.69
CA ILE D 35 -33.66 9.42 -15.79
C ILE D 35 -34.42 10.51 -16.54
N GLU D 36 -35.72 10.30 -16.76
CA GLU D 36 -36.51 11.25 -17.55
C GLU D 36 -36.85 12.50 -16.74
N THR D 37 -37.21 12.34 -15.47
CA THR D 37 -37.81 13.42 -14.70
C THR D 37 -36.84 14.09 -13.73
N SER D 38 -35.61 13.61 -13.61
CA SER D 38 -34.73 14.09 -12.55
C SER D 38 -33.29 14.11 -13.03
N THR D 39 -32.44 14.77 -12.24
CA THR D 39 -31.00 14.82 -12.49
C THR D 39 -30.21 14.04 -11.46
N VAL D 40 -30.86 13.14 -10.71
CA VAL D 40 -30.14 12.27 -9.80
C VAL D 40 -29.36 11.21 -10.56
N ASN D 41 -29.78 10.90 -11.78
CA ASN D 41 -29.07 9.98 -12.67
C ASN D 41 -28.62 10.77 -13.89
N PHE D 42 -27.33 10.72 -14.20
CA PHE D 42 -26.78 11.55 -15.27
C PHE D 42 -26.95 10.93 -16.64
N ARG D 43 -27.68 9.83 -16.78
CA ARG D 43 -28.08 9.36 -18.10
C ARG D 43 -29.10 10.32 -18.68
N THR D 44 -29.05 10.52 -20.00
CA THR D 44 -30.01 11.34 -20.70
C THR D 44 -30.96 10.50 -21.55
N GLU D 45 -30.86 9.18 -21.48
CA GLU D 45 -31.56 8.27 -22.37
C GLU D 45 -32.17 7.14 -21.55
N PRO D 46 -33.38 6.70 -21.87
CA PRO D 46 -33.93 5.53 -21.18
C PRO D 46 -33.09 4.29 -21.47
N GLN D 47 -32.84 3.51 -20.42
CA GLN D 47 -32.12 2.27 -20.59
C GLN D 47 -33.05 1.15 -21.04
N GLU D 48 -32.47 0.12 -21.64
CA GLU D 48 -33.23 -1.06 -21.98
C GLU D 48 -32.94 -2.18 -20.98
N PRO D 49 -33.92 -3.05 -20.71
CA PRO D 49 -33.73 -4.08 -19.68
C PRO D 49 -32.48 -4.93 -19.88
N GLN D 50 -32.10 -5.17 -21.13
CA GLN D 50 -30.90 -5.96 -21.42
C GLN D 50 -29.69 -5.39 -20.69
N GLU D 51 -29.60 -4.05 -20.59
CA GLU D 51 -28.46 -3.45 -19.91
C GLU D 51 -28.42 -3.88 -18.44
N TRP D 52 -29.58 -4.03 -17.81
CA TRP D 52 -29.64 -4.39 -16.41
C TRP D 52 -29.32 -5.86 -16.17
N THR D 53 -29.85 -6.74 -17.02
CA THR D 53 -29.59 -8.16 -16.85
C THR D 53 -28.11 -8.46 -17.05
N ASP D 54 -27.46 -7.75 -17.98
CA ASP D 54 -26.03 -7.93 -18.19
C ASP D 54 -25.23 -7.60 -16.94
N ASP D 55 -25.48 -6.42 -16.36
CA ASP D 55 -24.70 -6.01 -15.20
C ASP D 55 -25.00 -6.88 -13.98
N LEU D 56 -26.26 -7.29 -13.82
CA LEU D 56 -26.63 -8.11 -12.67
C LEU D 56 -25.83 -9.40 -12.63
N VAL D 57 -25.90 -10.20 -13.70
CA VAL D 57 -25.20 -11.47 -13.73
C VAL D 57 -23.70 -11.26 -13.64
N ARG D 58 -23.19 -10.14 -14.17
CA ARG D 58 -21.76 -9.91 -14.15
C ARG D 58 -21.24 -9.57 -12.76
N LEU D 59 -22.09 -9.06 -11.86
CA LEU D 59 -21.65 -8.53 -10.59
C LEU D 59 -22.28 -9.19 -9.36
N ARG D 60 -23.37 -9.95 -9.53
CA ARG D 60 -24.15 -10.37 -8.38
C ARG D 60 -23.37 -11.33 -7.47
N GLU D 61 -22.50 -12.16 -8.03
CA GLU D 61 -21.75 -13.11 -7.20
C GLU D 61 -20.72 -12.40 -6.33
N ARG D 62 -20.14 -11.32 -6.81
CA ARG D 62 -19.12 -10.56 -6.08
C ARG D 62 -19.67 -9.36 -5.34
N TYR D 63 -20.75 -8.76 -5.84
CA TYR D 63 -21.36 -7.60 -5.22
C TYR D 63 -22.82 -7.87 -4.90
N PRO D 64 -23.34 -7.39 -3.78
CA PRO D 64 -24.75 -7.62 -3.45
C PRO D 64 -25.67 -6.81 -4.34
N TRP D 65 -26.67 -7.48 -4.93
CA TRP D 65 -27.75 -6.86 -5.68
C TRP D 65 -29.05 -7.29 -5.04
N LEU D 66 -29.77 -6.32 -4.44
CA LEU D 66 -30.94 -6.61 -3.62
C LEU D 66 -32.14 -5.84 -4.13
N VAL D 67 -33.32 -6.46 -4.06
CA VAL D 67 -34.57 -5.81 -4.38
C VAL D 67 -35.50 -5.96 -3.18
N ALA D 68 -36.46 -5.03 -3.09
CA ALA D 68 -37.52 -5.07 -2.08
C ALA D 68 -38.85 -5.30 -2.79
N GLU D 69 -39.53 -6.37 -2.40
CA GLU D 69 -40.79 -6.77 -3.03
C GLU D 69 -41.94 -6.45 -2.07
N VAL D 70 -42.89 -5.65 -2.54
CA VAL D 70 -44.05 -5.24 -1.75
C VAL D 70 -45.30 -5.65 -2.52
N ASP D 71 -46.13 -6.48 -1.91
CA ASP D 71 -47.37 -6.94 -2.52
C ASP D 71 -47.09 -7.62 -3.86
N GLY D 72 -46.02 -8.39 -3.92
CA GLY D 72 -45.69 -9.16 -5.10
C GLY D 72 -45.05 -8.38 -6.23
N GLU D 73 -44.73 -7.10 -6.02
CA GLU D 73 -44.16 -6.25 -7.06
C GLU D 73 -42.85 -5.66 -6.59
N VAL D 74 -41.90 -5.54 -7.51
CA VAL D 74 -40.62 -4.90 -7.20
C VAL D 74 -40.87 -3.45 -6.82
N ALA D 75 -40.47 -3.08 -5.60
CA ALA D 75 -40.65 -1.73 -5.10
C ALA D 75 -39.38 -0.91 -5.04
N GLY D 76 -38.22 -1.54 -5.19
CA GLY D 76 -36.96 -0.81 -5.14
C GLY D 76 -35.81 -1.78 -5.31
N ILE D 77 -34.63 -1.20 -5.53
CA ILE D 77 -33.40 -1.97 -5.70
C ILE D 77 -32.27 -1.23 -5.01
N ALA D 78 -31.31 -2.00 -4.49
CA ALA D 78 -30.05 -1.47 -4.00
C ALA D 78 -28.97 -2.44 -4.43
N TYR D 79 -27.93 -1.93 -5.09
CA TYR D 79 -26.89 -2.78 -5.63
C TYR D 79 -25.54 -2.07 -5.48
N ALA D 80 -24.47 -2.83 -5.71
CA ALA D 80 -23.12 -2.32 -5.62
C ALA D 80 -22.31 -2.83 -6.81
N GLY D 81 -21.20 -2.17 -7.06
CA GLY D 81 -20.33 -2.53 -8.14
C GLY D 81 -18.93 -1.97 -7.96
N PRO D 82 -18.04 -2.25 -8.91
CA PRO D 82 -16.68 -1.72 -8.82
C PRO D 82 -16.67 -0.20 -8.89
N TRP D 83 -15.77 0.41 -8.13
CA TRP D 83 -15.53 1.84 -8.29
C TRP D 83 -14.75 2.11 -9.57
N LYS D 84 -13.61 1.46 -9.74
CA LYS D 84 -12.81 1.57 -10.94
C LYS D 84 -12.12 0.24 -11.19
N ALA D 85 -12.02 -0.15 -12.46
CA ALA D 85 -11.53 -1.47 -12.81
C ALA D 85 -10.01 -1.54 -12.81
N ARG D 86 -9.39 -1.18 -11.68
CA ARG D 86 -7.96 -1.38 -11.47
C ARG D 86 -7.79 -2.06 -10.12
N ASN D 87 -6.93 -3.08 -10.08
CA ASN D 87 -6.97 -4.05 -8.99
C ASN D 87 -6.77 -3.42 -7.62
N ALA D 88 -6.02 -2.33 -7.53
CA ALA D 88 -5.85 -1.69 -6.22
C ALA D 88 -7.16 -1.20 -5.65
N TYR D 89 -8.17 -0.94 -6.49
CA TYR D 89 -9.49 -0.51 -6.05
C TYR D 89 -10.40 -1.65 -5.64
N ASP D 90 -9.90 -2.89 -5.62
CA ASP D 90 -10.78 -4.04 -5.44
C ASP D 90 -11.58 -3.97 -4.13
N TRP D 91 -11.00 -3.38 -3.09
CA TRP D 91 -11.67 -3.26 -1.81
C TRP D 91 -12.55 -2.02 -1.70
N THR D 92 -12.77 -1.32 -2.81
CA THR D 92 -13.57 -0.10 -2.85
C THR D 92 -14.79 -0.37 -3.72
N ALA D 93 -15.97 -0.25 -3.11
CA ALA D 93 -17.23 -0.50 -3.81
C ALA D 93 -18.02 0.79 -3.95
N GLU D 94 -18.81 0.86 -5.03
CA GLU D 94 -19.78 1.93 -5.23
C GLU D 94 -21.18 1.38 -4.98
N SER D 95 -22.02 2.21 -4.35
CA SER D 95 -23.37 1.79 -3.98
C SER D 95 -24.41 2.70 -4.61
N THR D 96 -25.61 2.14 -4.82
CA THR D 96 -26.71 2.85 -5.46
C THR D 96 -28.02 2.26 -4.94
N VAL D 97 -29.06 3.10 -4.92
CA VAL D 97 -30.39 2.66 -4.51
C VAL D 97 -31.45 3.51 -5.20
N TYR D 98 -32.51 2.85 -5.67
CA TYR D 98 -33.64 3.51 -6.30
C TYR D 98 -34.92 2.89 -5.75
N VAL D 99 -35.90 3.72 -5.39
CA VAL D 99 -37.19 3.26 -4.91
C VAL D 99 -38.27 3.77 -5.86
N SER D 100 -39.30 2.95 -6.09
CA SER D 100 -40.34 3.34 -7.01
C SER D 100 -41.06 4.58 -6.50
N PRO D 101 -41.48 5.49 -7.40
CA PRO D 101 -42.05 6.76 -6.94
C PRO D 101 -43.27 6.61 -6.06
N ARG D 102 -44.03 5.52 -6.19
CA ARG D 102 -45.22 5.30 -5.38
C ARG D 102 -44.92 4.57 -4.07
N HIS D 103 -43.65 4.37 -3.73
CA HIS D 103 -43.27 3.72 -2.49
C HIS D 103 -42.25 4.52 -1.70
N GLN D 104 -42.01 5.78 -2.05
CA GLN D 104 -40.98 6.56 -1.39
C GLN D 104 -41.47 7.03 -0.02
N ARG D 105 -40.51 7.36 0.85
CA ARG D 105 -40.78 7.89 2.18
C ARG D 105 -41.45 6.86 3.07
N THR D 106 -41.31 5.57 2.75
CA THR D 106 -41.87 4.49 3.55
C THR D 106 -40.78 3.62 4.19
N GLY D 107 -39.51 4.04 4.09
CA GLY D 107 -38.42 3.32 4.70
C GLY D 107 -37.79 2.24 3.86
N LEU D 108 -38.23 2.06 2.60
CA LEU D 108 -37.64 1.03 1.76
C LEU D 108 -36.19 1.33 1.45
N GLY D 109 -35.89 2.53 0.96
CA GLY D 109 -34.52 2.85 0.58
C GLY D 109 -33.55 2.63 1.71
N SER D 110 -33.89 3.09 2.92
CA SER D 110 -32.99 2.93 4.05
C SER D 110 -32.90 1.47 4.50
N THR D 111 -33.96 0.70 4.32
CA THR D 111 -33.91 -0.72 4.68
C THR D 111 -33.05 -1.50 3.69
N LEU D 112 -33.21 -1.22 2.39
CA LEU D 112 -32.38 -1.86 1.37
C LEU D 112 -30.90 -1.53 1.58
N TYR D 113 -30.60 -0.25 1.79
CA TYR D 113 -29.20 0.15 1.94
C TYR D 113 -28.57 -0.48 3.16
N THR D 114 -29.33 -0.62 4.26
CA THR D 114 -28.79 -1.24 5.46
C THR D 114 -28.39 -2.70 5.20
N HIS D 115 -29.23 -3.43 4.45
CA HIS D 115 -28.86 -4.78 4.04
C HIS D 115 -27.65 -4.76 3.12
N LEU D 116 -27.62 -3.82 2.17
CA LEU D 116 -26.48 -3.70 1.27
C LEU D 116 -25.19 -3.46 2.04
N LEU D 117 -25.20 -2.49 2.95
CA LEU D 117 -23.99 -2.13 3.68
C LEU D 117 -23.55 -3.25 4.61
N LYS D 118 -24.50 -3.96 5.23
CA LYS D 118 -24.14 -5.07 6.09
C LYS D 118 -23.36 -6.14 5.32
N SER D 119 -23.79 -6.43 4.09
CA SER D 119 -23.11 -7.44 3.28
C SER D 119 -21.72 -6.96 2.89
N LEU D 120 -21.61 -5.73 2.38
CA LEU D 120 -20.32 -5.21 1.94
C LEU D 120 -19.30 -5.24 3.07
N GLU D 121 -19.70 -4.79 4.27
CA GLU D 121 -18.77 -4.78 5.38
C GLU D 121 -18.37 -6.20 5.79
N ALA D 122 -19.34 -7.12 5.81
CA ALA D 122 -19.02 -8.50 6.15
C ALA D 122 -18.16 -9.17 5.09
N GLN D 123 -18.32 -8.77 3.82
CA GLN D 123 -17.52 -9.35 2.76
C GLN D 123 -16.06 -8.93 2.83
N GLY D 124 -15.75 -7.85 3.54
CA GLY D 124 -14.38 -7.40 3.68
C GLY D 124 -13.99 -6.21 2.85
N PHE D 125 -14.95 -5.40 2.38
CA PHE D 125 -14.62 -4.19 1.65
C PHE D 125 -14.05 -3.13 2.58
N LYS D 126 -13.22 -2.25 2.02
CA LYS D 126 -12.61 -1.19 2.81
C LYS D 126 -13.54 0.00 2.97
N SER D 127 -14.20 0.42 1.89
CA SER D 127 -15.11 1.56 1.97
C SER D 127 -16.15 1.42 0.88
N VAL D 128 -17.17 2.27 0.96
CA VAL D 128 -18.27 2.32 0.00
C VAL D 128 -18.42 3.77 -0.45
N VAL D 129 -18.52 3.98 -1.75
CA VAL D 129 -18.61 5.32 -2.33
C VAL D 129 -19.97 5.47 -2.99
N ALA D 130 -20.59 6.63 -2.76
CA ALA D 130 -21.84 7.01 -3.43
C ALA D 130 -21.58 8.23 -4.29
N VAL D 131 -21.97 8.15 -5.56
CA VAL D 131 -21.80 9.25 -6.52
C VAL D 131 -23.16 9.90 -6.71
N ILE D 132 -23.33 11.10 -6.15
CA ILE D 132 -24.63 11.76 -6.07
C ILE D 132 -24.64 12.96 -7.00
N GLY D 133 -25.55 12.94 -7.98
CA GLY D 133 -25.77 14.10 -8.82
C GLY D 133 -26.57 15.17 -8.09
N LEU D 134 -26.00 16.37 -7.98
CA LEU D 134 -26.59 17.39 -7.12
C LEU D 134 -27.36 18.42 -7.94
N PRO D 135 -28.40 19.04 -7.37
CA PRO D 135 -28.85 18.85 -5.99
C PRO D 135 -29.67 17.57 -5.79
N ASN D 136 -29.59 17.00 -4.59
CA ASN D 136 -30.32 15.78 -4.26
C ASN D 136 -30.40 15.62 -2.75
N ASP D 137 -31.18 16.49 -2.09
CA ASP D 137 -31.31 16.46 -0.64
C ASP D 137 -31.68 15.07 -0.10
N PRO D 138 -32.73 14.41 -0.59
CA PRO D 138 -33.08 13.09 -0.02
C PRO D 138 -31.92 12.11 -0.01
N SER D 139 -31.13 12.04 -1.08
CA SER D 139 -30.01 11.11 -1.10
C SER D 139 -28.91 11.54 -0.13
N VAL D 140 -28.53 12.81 -0.17
CA VAL D 140 -27.50 13.31 0.73
C VAL D 140 -27.92 13.08 2.18
N ARG D 141 -29.18 13.36 2.50
CA ARG D 141 -29.65 13.17 3.87
C ARG D 141 -29.54 11.71 4.29
N MET D 142 -30.07 10.81 3.47
CA MET D 142 -30.05 9.39 3.82
C MET D 142 -28.62 8.88 3.97
N HIS D 143 -27.76 9.21 3.02
CA HIS D 143 -26.38 8.72 3.04
C HIS D 143 -25.66 9.19 4.31
N GLU D 144 -25.77 10.48 4.62
CA GLU D 144 -25.11 10.99 5.82
C GLU D 144 -25.72 10.40 7.08
N ALA D 145 -27.02 10.11 7.06
CA ALA D 145 -27.65 9.46 8.21
C ALA D 145 -27.09 8.07 8.46
N LEU D 146 -26.66 7.38 7.39
CA LEU D 146 -26.14 6.03 7.51
C LEU D 146 -24.62 5.97 7.68
N GLY D 147 -23.95 7.13 7.74
CA GLY D 147 -22.54 7.17 8.06
C GLY D 147 -21.64 7.67 6.94
N TYR D 148 -22.18 7.89 5.74
CA TYR D 148 -21.36 8.41 4.65
C TYR D 148 -20.88 9.82 4.97
N ALA D 149 -19.65 10.12 4.55
CA ALA D 149 -19.08 11.44 4.77
C ALA D 149 -18.75 12.11 3.44
N PRO D 150 -19.01 13.42 3.30
CA PRO D 150 -18.63 14.11 2.07
C PRO D 150 -17.12 14.18 1.91
N ARG D 151 -16.66 13.91 0.70
CA ARG D 151 -15.23 13.74 0.42
C ARG D 151 -14.73 14.59 -0.73
N GLY D 152 -15.53 14.76 -1.78
CA GLY D 152 -15.11 15.55 -2.93
C GLY D 152 -16.32 15.99 -3.70
N MET D 153 -16.06 16.81 -4.72
CA MET D 153 -17.15 17.34 -5.55
C MET D 153 -16.57 17.86 -6.85
N LEU D 154 -16.94 17.24 -7.97
CA LEU D 154 -16.61 17.75 -9.28
C LEU D 154 -17.70 18.72 -9.73
N ARG D 155 -17.30 19.90 -10.18
CA ARG D 155 -18.23 20.98 -10.46
C ARG D 155 -18.52 21.09 -11.94
N ALA D 156 -19.80 21.26 -12.26
CA ALA D 156 -20.26 21.30 -13.65
C ALA D 156 -19.75 20.10 -14.42
N ALA D 157 -19.67 18.96 -13.73
CA ALA D 157 -19.22 17.73 -14.37
C ALA D 157 -20.26 17.17 -15.33
N GLY D 158 -21.51 17.61 -15.22
CA GLY D 158 -22.56 17.15 -16.11
C GLY D 158 -23.50 18.25 -16.55
N PHE D 159 -23.97 18.16 -17.79
CA PHE D 159 -25.00 19.05 -18.32
C PHE D 159 -26.24 18.21 -18.59
N LYS D 160 -27.29 18.42 -17.79
CA LYS D 160 -28.53 17.69 -17.96
C LYS D 160 -29.69 18.61 -17.63
N HIS D 161 -30.80 18.43 -18.36
CA HIS D 161 -32.00 19.24 -18.19
C HIS D 161 -31.70 20.72 -18.33
N GLY D 162 -30.84 21.06 -19.29
CA GLY D 162 -30.57 22.44 -19.62
C GLY D 162 -29.74 23.21 -18.61
N ASN D 163 -29.05 22.51 -17.71
CA ASN D 163 -28.22 23.18 -16.71
C ASN D 163 -27.03 22.30 -16.38
N TRP D 164 -26.00 22.95 -15.83
CA TRP D 164 -24.81 22.24 -15.35
C TRP D 164 -25.02 21.82 -13.90
N HIS D 165 -24.66 20.59 -13.60
CA HIS D 165 -24.88 20.01 -12.28
C HIS D 165 -23.55 19.47 -11.73
N ASP D 166 -23.32 19.71 -10.46
CA ASP D 166 -22.18 19.13 -9.77
C ASP D 166 -22.50 17.71 -9.32
N VAL D 167 -21.44 16.93 -9.11
CA VAL D 167 -21.55 15.57 -8.58
C VAL D 167 -20.63 15.47 -7.38
N GLY D 168 -21.18 15.04 -6.25
CA GLY D 168 -20.40 14.87 -5.03
C GLY D 168 -20.06 13.41 -4.79
N PHE D 169 -19.03 13.21 -3.98
CA PHE D 169 -18.58 11.87 -3.59
C PHE D 169 -18.74 11.72 -2.09
N TRP D 170 -19.54 10.75 -1.68
CA TRP D 170 -19.75 10.41 -0.29
C TRP D 170 -19.18 9.02 -0.02
N GLN D 171 -18.47 8.87 1.09
CA GLN D 171 -17.74 7.65 1.39
C GLN D 171 -18.03 7.17 2.80
N LEU D 172 -18.22 5.86 2.93
CA LEU D 172 -18.42 5.20 4.23
C LEU D 172 -17.25 4.25 4.44
N ASP D 173 -16.46 4.51 5.47
CA ASP D 173 -15.22 3.77 5.70
C ASP D 173 -15.45 2.61 6.65
N PHE D 174 -14.99 1.42 6.25
CA PHE D 174 -14.86 0.28 7.12
C PHE D 174 -13.40 0.13 7.55
N SER D 175 -13.17 -0.74 8.53
CA SER D 175 -11.85 -0.90 9.13
C SER D 175 -11.20 -2.17 8.59
N LEU D 176 -10.00 -2.03 8.03
CA LEU D 176 -9.23 -3.17 7.53
C LEU D 176 -7.76 -2.95 7.85
N PRO D 177 -7.00 -4.04 8.05
CA PRO D 177 -5.57 -3.89 8.37
C PRO D 177 -4.67 -3.87 7.14
N VAL D 178 -3.36 -3.94 7.37
CA VAL D 178 -2.37 -3.98 6.32
C VAL D 178 -1.63 -5.31 6.43
N PRO D 179 -1.67 -6.19 5.42
CA PRO D 179 -2.44 -6.10 4.17
C PRO D 179 -3.89 -6.57 4.34
N PRO D 180 -4.77 -6.21 3.40
CA PRO D 180 -6.15 -6.69 3.47
C PRO D 180 -6.33 -8.03 2.75
N ARG D 181 -7.08 -8.92 3.39
CA ARG D 181 -7.36 -10.21 2.79
C ARG D 181 -8.36 -10.06 1.64
N PRO D 182 -8.42 -11.03 0.74
CA PRO D 182 -9.34 -10.93 -0.39
C PRO D 182 -10.78 -10.74 0.06
N VAL D 183 -11.55 -10.01 -0.76
CA VAL D 183 -12.96 -9.81 -0.47
C VAL D 183 -13.72 -11.11 -0.69
N LEU D 184 -14.68 -11.38 0.19
CA LEU D 184 -15.43 -12.63 0.08
C LEU D 184 -16.63 -12.44 -0.83
N PRO D 185 -16.99 -13.44 -1.62
CA PRO D 185 -18.18 -13.33 -2.47
C PRO D 185 -19.45 -13.28 -1.63
N VAL D 186 -20.53 -12.83 -2.27
CA VAL D 186 -21.78 -12.66 -1.56
C VAL D 186 -22.30 -13.99 -1.04
N THR D 187 -22.00 -15.08 -1.74
CA THR D 187 -22.44 -16.41 -1.34
C THR D 187 -21.92 -16.76 0.06
N1A COA E . 12.76 12.72 0.19
C2A COA E . 13.44 13.53 1.06
N3A COA E . 14.14 12.99 2.09
C4A COA E . 14.17 11.65 2.28
C5A COA E . 13.49 10.85 1.43
C6A COA E . 12.78 11.39 0.37
N6A COA E . 11.98 10.89 -0.70
N7A COA E . 13.67 9.55 1.83
C8A COA E . 14.46 9.57 2.92
N9A COA E . 14.76 10.87 3.21
C1B COA E . 15.54 11.35 4.25
C2B COA E . 14.78 11.68 5.28
O2B COA E . 15.46 12.70 6.11
C3B COA E . 14.62 10.37 6.07
O3B COA E . 14.34 10.61 7.35
P3B COA E . 12.79 10.83 7.76
O7A COA E . 12.10 9.49 7.84
O8A COA E . 12.71 11.52 9.10
O9A COA E . 12.11 11.67 6.71
C4B COA E . 16.06 9.71 5.92
O4B COA E . 16.55 10.17 4.80
C5B COA E . 15.95 8.21 5.84
O5B COA E . 14.76 7.76 6.46
P1A COA E . 13.98 6.57 5.78
O1A COA E . 12.54 6.60 6.20
O2A COA E . 14.62 5.27 6.19
O3A COA E . 14.09 6.73 4.20
P2A COA E . 14.58 5.59 3.23
O4A COA E . 14.27 4.25 3.84
O5A COA E . 13.87 5.71 1.89
O6A COA E . 16.15 5.74 3.02
CBP COA E . 17.31 6.09 0.91
CCP COA E . 16.61 6.75 2.15
CDP COA E . 18.12 7.17 0.14
CEP COA E . 18.25 4.99 1.37
CAP COA E . 16.21 5.48 0.01
OAP COA E . 15.22 6.40 -0.18
C9P COA E . 16.74 5.04 -1.36
O9P COA E . 17.05 3.88 -1.56
N8P COA E . 16.83 6.02 -2.43
C7P COA E . 17.28 5.67 -3.76
C6P COA E . 18.67 5.02 -3.76
C5P COA E . 19.72 6.01 -3.24
O5P COA E . 19.57 7.21 -3.42
N4P COA E . 20.91 5.51 -2.55
C3P COA E . 21.91 6.44 -2.05
C2P COA E . 23.32 5.91 -2.38
S1P COA E . 24.50 7.22 -2.12
H2A COA E . 13.44 14.50 0.93
H61A COA E . 12.14 11.15 -1.56
H62A COA E . 11.31 10.30 -0.52
H8A COA E . 14.75 8.80 3.43
H1B COA E . 16.05 12.12 3.95
H2B COA E . 13.90 12.00 4.98
HO2A COA E . 14.96 12.89 6.81
H3B COA E . 13.95 9.81 5.66
H4B COA E . 16.62 9.97 6.67
H51A COA E . 15.94 7.93 4.90
H52A COA E . 16.72 7.80 6.28
H121 COA E . 15.82 7.28 1.83
H122 COA E . 17.24 7.34 2.62
H131 COA E . 18.60 6.76 -0.59
H132 COA E . 18.75 7.60 0.76
H133 COA E . 17.50 7.86 -0.20
H141 COA E . 17.74 4.32 1.86
H142 COA E . 18.94 5.38 1.95
H143 COA E . 18.69 4.57 0.59
H10 COA E . 15.83 4.70 0.48
HO1 COA E . 14.46 6.11 0.17
HN8 COA E . 16.58 6.88 -2.26
H71 COA E . 16.64 5.05 -4.16
H72 COA E . 17.32 6.48 -4.30
H61 COA E . 18.68 4.22 -3.22
H62 COA E . 18.90 4.78 -4.70
HN4 COA E . 21.02 4.61 -2.42
H31 COA E . 21.81 6.55 -1.09
H32 COA E . 21.79 7.32 -2.49
H21 COA E . 23.35 5.61 -3.32
H22 COA E . 23.53 5.15 -1.79
HS1 COA E . 24.04 8.25 -2.48
NP PPQ F . 26.96 5.46 -3.59
CAP PPQ F . 26.23 4.84 -4.65
CBP PPQ F . 26.49 5.54 -5.96
CGP PPQ F . 27.97 5.56 -6.27
PDP PPQ F . 28.25 6.25 -7.94
CEP PPQ F . 27.45 7.87 -8.08
OEA PPQ F . 27.68 5.34 -8.96
OEB PPQ F . 29.80 6.41 -8.17
CP PPQ F . 26.63 3.38 -4.73
OP PPQ F . 27.66 2.97 -4.13
OTP PPQ F . 25.94 2.58 -5.42
HNP1 PPQ F . 27.84 5.16 -3.61
HNP2 PPQ F . 26.96 6.37 -3.71
HAP PPQ F . 25.27 4.89 -4.43
HBP1 PPQ F . 26.15 6.46 -5.91
HBP2 PPQ F . 26.02 5.06 -6.68
HGP1 PPQ F . 28.33 4.65 -6.24
HGP2 PPQ F . 28.44 6.11 -5.62
HEP1 PPQ F . 26.51 7.80 -7.81
HEP2 PPQ F . 27.50 8.18 -9.01
HEP3 PPQ F . 27.90 8.51 -7.51
HEB PPQ F . 30.16 6.84 -7.49
C1 BNG G . 45.75 -5.15 6.49
C2 BNG G . 45.37 -3.69 6.72
C3 BNG G . 44.70 -3.47 8.02
C4 BNG G . 43.53 -4.39 8.16
C5 BNG G . 43.99 -5.84 8.17
C6 BNG G . 42.83 -6.74 8.25
C1' BNG G . 47.04 -4.80 4.52
C2' BNG G . 47.14 -5.33 3.11
C3' BNG G . 45.69 -5.64 2.50
C4' BNG G . 44.77 -4.41 2.61
C5' BNG G . 43.34 -4.76 2.24
C6' BNG G . 42.63 -5.49 3.41
C7' BNG G . 42.38 -4.51 4.58
C8' BNG G . 41.15 -4.96 5.40
C9' BNG G . 40.42 -3.69 6.02
O1 BNG G . 45.87 -5.36 5.13
O2 BNG G . 46.58 -2.87 6.69
O3 BNG G . 44.25 -2.12 8.09
O4 BNG G . 42.84 -4.12 9.34
O5 BNG G . 44.73 -6.17 6.95
O6 BNG G . 43.05 -7.70 9.25
H1 BNG G . 46.57 -5.33 6.91
H2 BNG G . 44.76 -3.40 6.01
H3 BNG G . 45.34 -3.64 8.75
H4 BNG G . 42.87 -4.26 7.35
H5 BNG G . 44.53 -5.98 8.90
H61 BNG G . 42.71 -7.17 7.43
H62 BNG G . 42.02 -6.21 8.47
H1'1 BNG G . 47.80 -5.05 5.00
H1'2 BNG G . 46.97 -3.85 4.50
H2'1 BNG G . 47.66 -6.13 3.11
H2'2 BNG G . 47.57 -4.68 2.56
H3'1 BNG G . 45.28 -6.40 3.01
H3'2 BNG G . 45.78 -5.89 1.58
H4'1 BNG G . 45.08 -3.74 2.04
H4'2 BNG G . 44.79 -4.07 3.52
H5'1 BNG G . 43.35 -5.37 1.42
H5'2 BNG G . 42.88 -3.97 2.03
H6'1 BNG G . 43.23 -6.26 3.72
H6'2 BNG G . 41.78 -5.85 3.08
H7'1 BNG G . 42.21 -3.57 4.22
H7'2 BNG G . 43.14 -4.49 5.15
H8'1 BNG G . 41.43 -5.53 6.09
H8'2 BNG G . 40.49 -5.46 4.78
H9'1 BNG G . 39.64 -3.98 6.55
H9'2 BNG G . 40.13 -3.11 5.30
H9'3 BNG G . 41.10 -3.18 6.63
HO2 BNG G . 46.44 -2.17 6.16
HO3 BNG G . 43.86 -1.97 8.88
HO4 BNG G . 41.96 -4.42 9.27
HO6 BNG G . 42.72 -8.52 8.98
N1A COA H . 9.95 17.28 -8.18
C2A COA H . 9.31 18.45 -7.92
N3A COA H . 8.40 18.94 -8.81
C4A COA H . 8.11 18.26 -9.94
C5A COA H . 8.75 17.09 -10.19
C6A COA H . 9.68 16.60 -9.29
N6A COA H . 10.52 15.45 -9.22
N7A COA H . 8.30 16.60 -11.37
C8A COA H . 7.38 17.47 -11.85
N9A COA H . 7.27 18.51 -10.97
C1B COA H . 6.43 19.62 -11.08
C2B COA H . 7.08 20.78 -11.09
O2B COA H . 6.22 21.83 -10.50
C3B COA H . 7.35 21.11 -12.57
O3B COA H . 7.18 22.41 -12.81
P3B COA H . 8.43 23.41 -12.61
O7A COA H . 9.45 23.16 -13.70
O8A COA H . 7.96 24.84 -12.68
O9A COA H . 9.06 23.15 -11.26
C4B COA H . 6.28 20.27 -13.38
O4B COA H . 5.60 19.59 -12.50
C5B COA H . 6.99 19.31 -14.30
O5B COA H . 7.38 19.87 -15.53
P1A COA H . 8.16 18.85 -16.44
O1A COA H . 9.57 19.33 -16.66
O2A COA H . 7.45 18.69 -17.77
O3A COA H . 8.17 17.48 -15.65
P2A COA H . 7.86 16.07 -16.29
O4A COA H . 8.19 16.08 -17.76
O5A COA H . 8.71 15.02 -15.60
O6A COA H . 6.32 15.72 -16.09
CBP COA H . 5.25 14.03 -14.69
CCP COA H . 5.87 15.47 -14.77
CDP COA H . 4.28 13.95 -13.49
CEP COA H . 4.49 13.71 -15.97
CAP COA H . 6.43 13.05 -14.50
OAP COA H . 7.06 13.33 -13.31
C9P COA H . 5.97 11.57 -14.50
O9P COA H . 5.80 10.99 -15.56
N8P COA H . 5.79 10.88 -13.23
C7P COA H . 5.39 9.48 -13.20
C6P COA H . 4.05 9.23 -13.90
C5P COA H . 2.93 10.08 -13.27
O5P COA H . 2.89 10.25 -12.06
N4P COA H . 1.91 10.69 -14.13
C3P COA H . 0.85 11.48 -13.56
C2P COA H . -0.37 10.57 -13.30
S1P COA H . -1.58 11.46 -12.34
H2A COA H . 9.51 18.95 -7.11
H61A COA H . 10.63 15.00 -8.42
H62A COA H . 10.93 15.14 -9.97
H8A COA H . 6.90 17.38 -12.69
H1B COA H . 5.79 19.62 -10.34
H2B COA H . 7.92 20.71 -10.60
HO2A COA H . 5.45 21.86 -10.93
H3B COA H . 8.25 20.84 -12.81
H4B COA H . 5.70 20.86 -13.89
H51A COA H . 7.79 18.97 -13.86
H52A COA H . 6.40 18.54 -14.48
H121 COA H . 6.65 15.52 -14.16
H122 COA H . 5.21 16.14 -14.50
H131 COA H . 3.86 13.07 -13.46
H132 COA H . 3.58 14.65 -13.58
H133 COA H . 4.78 14.10 -12.65
H141 COA H . 5.11 13.77 -16.73
H142 COA H . 3.77 14.36 -16.08
H143 COA H . 4.12 12.80 -15.92
H10 COA H . 7.06 13.18 -15.24
HO1 COA H . 6.54 13.08 -12.63
HN8 COA H . 5.92 11.33 -12.45
H71 COA H . 6.08 8.94 -13.64
H72 COA H . 5.31 9.20 -12.26
H61 COA H . 4.12 9.42 -14.84
H62 COA H . 3.82 8.27 -13.78
HN4 COA H . 1.95 10.54 -15.03
H31 COA H . 0.60 12.19 -14.18
H32 COA H . 1.14 11.88 -12.71
H21 COA H . -0.09 9.77 -12.80
H22 COA H . -0.76 10.30 -14.16
HS1 COA H . -1.70 12.55 -12.79
NP PPQ I . -3.96 9.50 -13.60
CAP PPQ I . -3.30 8.24 -13.75
CBP PPQ I . -3.61 7.33 -12.58
CGP PPQ I . -5.09 7.02 -12.49
PDP PPQ I . -5.39 5.81 -11.17
CEP PPQ I . -4.68 6.39 -9.61
OEA PPQ I . -4.76 4.52 -11.54
OEB PPQ I . -6.94 5.59 -11.00
CP PPQ I . -3.75 7.58 -15.04
OP PPQ I . -3.16 6.56 -15.46
OTP PPQ I . -4.74 8.06 -15.67
HNP1 PPQ I . -4.85 9.40 -13.78
HNP2 PPQ I . -3.85 9.80 -12.75
HAP PPQ I . -2.33 8.39 -13.79
HBP1 PPQ I . -3.32 7.77 -11.75
HBP2 PPQ I . -3.12 6.50 -12.68
HGP1 PPQ I . -5.40 6.66 -13.33
HGP2 PPQ I . -5.59 7.85 -12.28
HEP1 PPQ I . -5.18 7.18 -9.29
HEP2 PPQ I . -3.74 6.65 -9.75
HEP3 PPQ I . -4.73 5.68 -8.93
HEB PPQ I . -7.34 6.37 -10.88
C1 BNG J . -22.64 13.40 -28.14
C2 BNG J . -22.43 14.28 -26.90
C3 BNG J . -21.95 15.63 -27.25
C4 BNG J . -20.72 15.58 -28.12
C5 BNG J . -20.97 14.79 -29.40
C6 BNG J . -19.70 14.66 -30.12
C1' BNG J . -23.97 11.73 -27.06
C2' BNG J . -24.05 10.22 -26.93
C3' BNG J . -22.59 9.58 -26.72
C4' BNG J . -21.77 10.32 -25.63
C5' BNG J . -20.31 9.92 -25.70
C6' BNG J . -19.59 10.65 -26.86
C7' BNG J . -19.47 12.18 -26.58
C8' BNG J . -18.25 12.78 -27.29
C9' BNG J . -17.61 13.91 -26.38
O1 BNG J . -22.77 12.08 -27.75
O2 BNG J . -23.68 14.40 -26.17
O3 BNG J . -21.63 16.33 -26.04
O4 BNG J . -20.37 16.88 -28.46
O5 BNG J . -21.49 13.45 -29.12
O6 BNG J . -19.82 15.20 -31.41
H1 BNG J . -23.42 13.67 -28.57
H2 BNG J . -21.76 13.85 -26.32
H3 BNG J . -22.67 16.11 -27.72
H4 BNG J . -19.94 15.13 -27.59
H5 BNG J . -21.56 15.24 -29.92
H61 BNG J . -19.46 13.75 -30.19
H62 BNG J . -18.98 15.14 -29.63
H1'1 BNG J . -24.71 12.04 -27.54
H1'2 BNG J . -23.97 12.12 -26.20
H2'1 BNG J . -24.44 9.85 -27.71
H2'2 BNG J . -24.59 10.00 -26.17
H3'1 BNG J . -22.08 9.63 -27.59
H3'2 BNG J . -22.69 8.67 -26.47
H4'1 BNG J . -22.10 10.09 -24.79
H4'2 BNG J . -21.85 11.27 -25.75
H5'1 BNG J . -20.24 8.92 -25.85
H5'2 BNG J . -19.90 10.14 -24.90
H6'1 BNG J . -20.12 10.52 -27.72
H6'2 BNG J . -18.69 10.28 -26.97
H7'1 BNG J . -19.38 12.33 -25.57
H7'2 BNG J . -20.26 12.62 -26.89
H8'1 BNG J . -18.52 13.16 -28.11
H8'2 BNG J . -17.55 12.04 -27.46
H9'1 BNG J . -16.83 14.31 -26.84
H9'2 BNG J . -17.32 13.51 -25.54
H9'3 BNG J . -18.32 14.64 -26.18
HO2 BNG J . -23.59 14.04 -25.36
HO3 BNG J . -21.57 17.19 -26.21
HO4 BNG J . -20.53 17.02 -29.37
HO6 BNG J . -19.66 14.55 -32.03
N1A COA K . 12.98 -2.62 32.88
C2A COA K . 11.99 -1.75 32.51
N3A COA K . 11.45 -1.83 31.26
C4A COA K . 11.91 -2.76 30.38
C5A COA K . 12.90 -3.61 30.75
C6A COA K . 13.42 -3.53 32.02
N6A COA K . 14.44 -4.23 32.75
N7A COA K . 13.15 -4.43 29.69
C8A COA K . 12.34 -4.07 28.68
N9A COA K . 11.57 -3.04 29.10
C1B COA K . 10.58 -2.39 28.38
C2B COA K . 10.91 -1.12 28.12
O2B COA K . 9.71 -0.26 28.21
C3B COA K . 11.46 -1.13 26.70
O3B COA K . 11.32 0.06 26.11
P3B COA K . 12.65 0.89 25.69
O7A COA K . 13.77 -0.07 25.36
O8A COA K . 12.34 1.73 24.46
O9A COA K . 13.06 1.78 26.82
C4B COA K . 10.52 -2.22 26.01
O4B COA K . 10.39 -3.13 26.92
C5B COA K . 11.18 -2.78 24.77
O5B COA K . 12.54 -3.04 25.02
P1A COA K . 13.14 -4.43 24.57
O1A COA K . 14.60 -4.25 24.21
O2A COA K . 12.39 -4.95 23.38
O3A COA K . 13.02 -5.45 25.77
P2A COA K . 13.39 -6.98 25.68
O4A COA K . 14.01 -7.29 24.35
O5A COA K . 14.35 -7.33 26.78
O6A COA K . 12.05 -7.83 25.86
CBP COA K . 11.05 -9.09 27.70
CCP COA K . 11.34 -7.67 27.07
CDP COA K . 9.93 -8.97 28.74
CEP COA K . 10.63 -10.05 26.60
CAP COA K . 12.36 -9.55 28.37
OAP COA K . 12.63 -8.72 29.43
C9P COA K . 12.28 -10.99 28.88
O9P COA K . 12.54 -11.92 28.13
N8P COA K . 11.93 -11.25 30.26
C7P COA K . 11.88 -12.61 30.75
C6P COA K . 10.73 -13.40 30.14
C5P COA K . 9.40 -12.62 30.26
O5P COA K . 9.16 -11.98 31.28
N4P COA K . 8.45 -12.67 29.16
C3P COA K . 7.19 -11.95 29.27
C2P COA K . 6.10 -12.95 29.70
S1P COA K . 4.62 -12.05 30.11
H2A COA K . 11.65 -1.09 33.14
H61A COA K . 14.27 -4.54 33.59
H62A COA K . 15.26 -4.37 32.36
H8A COA K . 12.31 -4.50 27.79
H1B COA K . 9.74 -2.41 28.87
H2B COA K . 11.59 -0.80 28.75
HO2A COA K . 9.92 0.57 28.01
H3B COA K . 12.38 -1.42 26.68
H4B COA K . 9.66 -1.82 25.79
H51A COA K . 10.73 -3.62 24.52
H52A COA K . 11.10 -2.14 24.04
H121 COA K . 11.92 -7.16 27.70
H122 COA K . 10.51 -7.18 26.93
H131 COA K . 9.71 -9.85 29.10
H132 COA K . 9.12 -8.57 28.31
H133 COA K . 10.21 -8.38 29.47
H141 COA K . 11.34 -10.12 25.93
H142 COA K . 9.81 -9.72 26.18
H143 COA K . 10.46 -10.94 26.99
H10 COA K . 13.09 -9.47 27.71
HO1 COA K . 13.25 -8.13 29.20
HN8 COA K . 11.75 -10.55 30.83
H71 COA K . 12.73 -13.05 30.55
H72 COA K . 11.77 -12.58 31.73
H61 COA K . 10.90 -13.61 29.21
H62 COA K . 10.63 -14.25 30.64
HN4 COA K . 8.63 -13.15 28.41
H31 COA K . 6.95 -11.57 28.39
H32 COA K . 7.26 -11.24 29.93
H21 COA K . 6.41 -13.45 30.49
H22 COA K . 5.91 -13.58 28.97
HS1 COA K . 4.31 -11.36 29.19
NP PPQ L . 2.82 -14.96 29.62
CAP PPQ L . 3.68 -15.97 30.13
CBP PPQ L . 3.26 -16.37 31.54
CGP PPQ L . 1.91 -17.06 31.56
PDP PPQ L . 1.58 -17.71 33.22
CEP PPQ L . 1.73 -16.39 34.46
OEA PPQ L . 2.56 -18.79 33.52
OEB PPQ L . 0.11 -18.31 33.28
CP PPQ L . 3.66 -17.16 29.21
OP PPQ L . 4.52 -18.07 29.33
OTP PPQ L . 2.76 -17.27 28.33
HNP1 PPQ L . 2.19 -14.73 30.26
HNP2 PPQ L . 3.31 -14.23 29.39
HAP PPQ L . 4.59 -15.61 30.17
HBP1 PPQ L . 3.22 -15.56 32.10
HBP2 PPQ L . 3.94 -16.97 31.91
HGP1 PPQ L . 1.92 -17.80 30.92
HGP2 PPQ L . 1.21 -16.42 31.32
HEP1 PPQ L . 2.60 -15.94 34.35
HEP2 PPQ L . 1.68 -16.78 35.36
HEP3 PPQ L . 1.01 -15.75 34.34
HEB PPQ L . -0.47 -17.67 33.05
N1A COA M . -37.05 14.44 1.31
C2A COA M . -36.00 14.59 2.16
N3A COA M . -35.35 13.49 2.63
C4A COA M . -35.74 12.25 2.26
C5A COA M . -36.78 12.11 1.42
C6A COA M . -37.45 13.22 0.93
N6A COA M . -38.55 13.45 0.05
N7A COA M . -36.98 10.77 1.20
C8A COA M . -36.06 10.10 1.92
N9A COA M . -35.30 11.00 2.58
C1B COA M . -34.23 10.72 3.41
C2B COA M . -34.48 11.01 4.69
O2B COA M . -33.26 11.57 5.32
C3B COA M . -34.85 9.67 5.34
O3B COA M . -34.50 9.65 6.62
P3B COA M . -35.63 9.85 7.76
O7A COA M . -36.85 9.02 7.42
O8A COA M . -35.07 9.39 9.09
O9A COA M . -36.02 11.31 7.85
C4B COA M . -34.00 8.62 4.54
O4B COA M . -33.94 9.11 3.33
C5B COA M . -34.64 7.25 4.53
O5B COA M . -36.03 7.34 4.32
P1A COA M . -36.71 6.36 3.29
O1A COA M . -38.17 6.20 3.65
O2A COA M . -36.04 5.01 3.34
O3A COA M . -36.59 6.98 1.84
P2A COA M . -36.82 6.19 0.49
O4A COA M . -37.38 4.82 0.76
O5A COA M . -37.79 6.97 -0.37
O6A COA M . -35.43 6.07 -0.27
CBP COA M . -34.29 7.29 -2.05
CCP COA M . -34.74 7.27 -0.55
CDP COA M . -33.25 8.41 -2.27
CEP COA M . -33.67 5.95 -2.43
CAP COA M . -35.57 7.56 -2.88
OAP COA M . -36.06 8.78 -2.55
C9P COA M . -35.30 7.52 -4.41
O9P COA M . -35.40 6.47 -5.01
N8P COA M . -34.97 8.75 -5.10
C7P COA M . -34.74 8.76 -6.52
C6P COA M . -33.49 7.96 -6.91
C5P COA M . -32.24 8.50 -6.20
O5P COA M . -32.03 9.70 -6.14
N4P COA M . -31.29 7.56 -5.59
C3P COA M . -30.09 8.05 -4.93
C2P COA M . -28.87 7.66 -5.80
S1P COA M . -27.47 8.68 -5.37
H2A COA M . -35.71 15.48 2.43
H61A COA M . -38.80 14.32 -0.15
H62A COA M . -38.98 12.75 -0.32
H8A COA M . -35.96 9.13 1.96
H1B COA M . -33.44 11.21 3.12
H2B COA M . -35.22 11.65 4.76
HO2A COA M . -33.43 12.38 5.60
H3B COA M . -35.81 9.49 5.24
H4B COA M . -33.10 8.57 4.91
H51A COA M . -34.25 6.71 3.81
H52A COA M . -34.48 6.80 5.39
H121 COA M . -35.37 8.03 -0.39
H122 COA M . -33.96 7.38 0.04
H131 COA M . -32.94 8.40 -3.20
H132 COA M . -32.49 8.28 -1.66
H133 COA M . -33.66 9.29 -2.08
H141 COA M . -34.33 5.24 -2.27
H142 COA M . -32.89 5.80 -1.87
H143 COA M . -33.40 5.96 -3.37
H10 COA M . -36.22 6.87 -2.66
HO1 COA M . -36.94 8.75 -2.52
HN8 COA M . -34.90 9.54 -4.63
H71 COA M . -35.52 8.38 -6.98
H72 COA M . -34.62 9.69 -6.82
H61 COA M . -33.61 7.02 -6.71
H62 COA M . -33.36 8.05 -7.89
HN4 COA M . -31.45 6.66 -5.65
H31 COA M . -30.02 7.64 -4.05
H32 COA M . -30.13 9.02 -4.85
H21 COA M . -29.10 7.79 -6.74
H22 COA M . -28.65 6.72 -5.64
HS1 COA M . -26.87 8.95 -6.36
NP PPQ N . -25.49 7.22 -7.82
CAP PPQ N . -26.43 7.23 -8.89
CBP PPQ N . -26.10 8.34 -9.85
CGP PPQ N . -24.71 8.17 -10.43
PDP PPQ N . -24.42 9.44 -11.68
CEP PPQ N . -24.62 11.09 -10.96
OEA PPQ N . -25.40 9.27 -12.79
OEB PPQ N . -22.95 9.28 -12.24
CP PPQ N . -26.40 5.91 -9.61
OP PPQ N . -25.49 5.07 -9.36
OTP PPQ N . -27.28 5.65 -10.47
HNP1 PPQ N . -25.28 8.08 -7.58
HNP2 PPQ N . -25.84 6.78 -7.09
HAP PPQ N . -27.33 7.38 -8.52
HBP1 PPQ N . -26.15 9.21 -9.38
HBP2 PPQ N . -26.75 8.33 -10.59
HGP1 PPQ N . -24.64 7.28 -10.83
HGP2 PPQ N . -24.04 8.25 -9.71
HEP1 PPQ N . -23.90 11.25 -10.32
HEP2 PPQ N . -25.49 11.14 -10.51
HEP3 PPQ N . -24.59 11.77 -11.67
HEB PPQ N . -22.43 9.90 -11.88
#